data_7VT4
#
_entry.id   7VT4
#
_cell.length_a   74.249
_cell.length_b   114.350
_cell.length_c   80.149
_cell.angle_alpha   90.000
_cell.angle_beta   103.235
_cell.angle_gamma   90.000
#
_symmetry.space_group_name_H-M   'P 1 21 1'
#
loop_
_entity.id
_entity.type
_entity.pdbx_description
1 polymer 'Endoglucanase H'
2 non-polymer GLYCEROL
3 non-polymer 'SULFATE ION'
4 water water
#
_entity_poly.entity_id   1
_entity_poly.type   'polypeptide(L)'
_entity_poly.pdbx_seq_one_letter_code
;MGCQSTQLQTPAPDTGGIVELNRQLGRGVNLGNALEAPWEGAWGVRLEEGFFELIREAGFKTIRLPVSWTHHAGRAAPYT
IDPAFFSRVDWAVTQATRRGLNIVVNVHHYDELNANPQAEEARYLSIWRQIAERYRNQPGSVYFELLNEPHGRFNDNPQL
WNDLLAKALRVVRESNPSRAVIVGPVGWNSLWRLSELRLPDDPNLIVTFHYYDPLEFTHQGAEWLNPVPPTGVVWRENQG
AFAAGWQNWSWGSRVGFVGEALEITYQEGWAGFYLHSDAGVEGYDRLAFRTSAPVSLQVSCRRDAPAKAVTTSGGVETVV
NLSECGNPSRLTDLILQNNSPNARAAFRLERLELRGPGSPLALLTHQQNAIAQAMEFAQRWAEQNRRPIFVGQFGAYEKG
DLDSRVRWTGAVRSELEKRNFSWAYWEFAAGFGIYDRTTRQWRTPLLKALVPEQPKLAAALEHHHHHH
;
_entity_poly.pdbx_strand_id   A,B
#
# COMPACT_ATOMS: atom_id res chain seq x y z
N THR A 15 27.98 19.81 -28.25
CA THR A 15 28.42 18.93 -27.18
C THR A 15 28.76 17.57 -27.75
N GLY A 16 28.85 16.57 -26.88
CA GLY A 16 29.09 15.24 -27.41
C GLY A 16 27.87 14.47 -27.77
N GLY A 17 26.70 14.98 -27.46
CA GLY A 17 25.52 14.24 -27.85
C GLY A 17 25.14 13.24 -26.79
N ILE A 18 24.11 12.47 -27.14
CA ILE A 18 23.45 11.56 -26.20
C ILE A 18 24.42 10.49 -25.70
N VAL A 19 25.42 10.13 -26.51
CA VAL A 19 26.40 9.14 -26.06
C VAL A 19 27.22 9.66 -24.89
N GLU A 20 27.62 10.93 -24.97
CA GLU A 20 28.35 11.56 -23.88
C GLU A 20 27.45 11.77 -22.67
N LEU A 21 26.20 12.18 -22.89
CA LEU A 21 25.29 12.30 -21.73
C LEU A 21 25.13 10.96 -21.02
N ASN A 22 25.02 9.88 -21.79
CA ASN A 22 24.93 8.57 -21.14
C ASN A 22 26.23 8.22 -20.42
N ARG A 23 27.37 8.51 -21.05
CA ARG A 23 28.63 8.21 -20.41
C ARG A 23 28.75 8.97 -19.10
N GLN A 24 28.25 10.20 -19.08
CA GLN A 24 28.31 11.00 -17.86
C GLN A 24 27.41 10.45 -16.76
N LEU A 25 26.32 9.75 -17.10
CA LEU A 25 25.56 9.05 -16.05
C LEU A 25 26.45 8.15 -15.21
N GLY A 26 27.41 7.47 -15.86
CA GLY A 26 28.40 6.68 -15.12
C GLY A 26 27.81 5.77 -14.05
N ARG A 27 28.42 5.81 -12.86
CA ARG A 27 27.97 5.02 -11.71
C ARG A 27 26.93 5.81 -10.92
N GLY A 28 25.81 5.15 -10.59
CA GLY A 28 24.74 5.83 -9.92
C GLY A 28 24.05 4.95 -8.90
N VAL A 29 23.16 5.56 -8.14
CA VAL A 29 22.44 4.80 -7.14
C VAL A 29 21.03 5.37 -7.03
N ASN A 30 20.07 4.47 -6.80
CA ASN A 30 18.67 4.82 -6.63
C ASN A 30 18.40 5.23 -5.20
N LEU A 31 17.71 6.37 -5.03
CA LEU A 31 17.12 6.74 -3.75
C LEU A 31 15.74 6.09 -3.68
N GLY A 32 15.74 4.76 -3.36
CA GLY A 32 14.52 3.98 -3.38
C GLY A 32 13.84 3.92 -2.03
N ASN A 33 12.64 3.32 -2.03
CA ASN A 33 11.77 3.24 -0.85
C ASN A 33 11.45 4.62 -0.30
N ALA A 34 11.40 5.60 -1.20
CA ALA A 34 11.22 7.00 -0.83
C ALA A 34 10.07 7.64 -1.60
N LEU A 35 10.36 8.49 -2.60
CA LEU A 35 9.29 9.20 -3.30
C LEU A 35 8.51 8.33 -4.27
N GLU A 36 8.91 7.06 -4.47
CA GLU A 36 8.11 6.19 -5.32
C GLU A 36 7.06 5.39 -4.52
N ALA A 37 7.11 5.45 -3.19
CA ALA A 37 5.99 4.99 -2.36
C ALA A 37 4.82 5.96 -2.56
N PRO A 38 3.64 5.65 -2.02
CA PRO A 38 2.52 6.61 -2.13
C PRO A 38 2.82 7.98 -1.52
N TRP A 39 3.69 8.05 -0.51
CA TRP A 39 4.22 9.33 -0.04
C TRP A 39 5.57 9.07 0.58
N GLU A 40 6.33 10.13 0.77
CA GLU A 40 7.71 10.01 1.21
C GLU A 40 7.76 9.44 2.63
N GLY A 41 8.47 8.34 2.80
CA GLY A 41 8.57 7.68 4.09
C GLY A 41 7.59 6.55 4.27
N ALA A 42 6.57 6.44 3.42
CA ALA A 42 5.59 5.37 3.56
C ALA A 42 6.24 3.99 3.48
N TRP A 43 7.34 3.84 2.73
CA TRP A 43 8.03 2.57 2.57
C TRP A 43 9.41 2.57 3.24
N GLY A 44 9.66 3.49 4.16
CA GLY A 44 10.75 3.37 5.10
C GLY A 44 11.90 4.34 4.95
N VAL A 45 12.05 5.00 3.80
CA VAL A 45 13.17 5.92 3.58
C VAL A 45 12.61 7.31 3.35
N ARG A 46 12.92 8.22 4.27
CA ARG A 46 12.73 9.65 4.08
C ARG A 46 14.05 10.22 3.59
N LEU A 47 14.01 11.07 2.58
CA LEU A 47 15.24 11.63 2.06
C LEU A 47 15.82 12.65 3.03
N GLU A 48 17.15 12.72 3.08
CA GLU A 48 17.88 13.67 3.89
C GLU A 48 19.00 14.29 3.07
N GLU A 49 19.29 15.56 3.34
CA GLU A 49 20.29 16.28 2.55
C GLU A 49 21.64 15.58 2.58
N GLY A 50 22.01 15.02 3.72
CA GLY A 50 23.30 14.37 3.82
C GLY A 50 23.44 13.15 2.94
N PHE A 51 22.32 12.53 2.53
CA PHE A 51 22.41 11.37 1.64
C PHE A 51 23.13 11.73 0.36
N PHE A 52 22.79 12.89 -0.22
CA PHE A 52 23.40 13.31 -1.48
C PHE A 52 24.90 13.48 -1.31
N GLU A 53 25.32 14.02 -0.16
CA GLU A 53 26.73 14.22 0.12
C GLU A 53 27.47 12.90 0.29
N LEU A 54 26.87 11.97 1.03
CA LEU A 54 27.45 10.64 1.18
C LEU A 54 27.62 9.97 -0.18
N ILE A 55 26.58 10.03 -1.02
CA ILE A 55 26.61 9.38 -2.34
C ILE A 55 27.71 9.97 -3.19
N ARG A 56 27.81 11.31 -3.18
CA ARG A 56 28.90 11.97 -3.90
C ARG A 56 30.25 11.52 -3.36
N GLU A 57 30.39 11.45 -2.04
CA GLU A 57 31.67 11.09 -1.43
C GLU A 57 32.03 9.63 -1.69
N ALA A 58 31.03 8.77 -1.86
CA ALA A 58 31.32 7.37 -2.12
C ALA A 58 31.74 7.11 -3.56
N GLY A 59 31.71 8.13 -4.42
CA GLY A 59 32.18 7.96 -5.78
C GLY A 59 31.12 7.73 -6.83
N PHE A 60 29.84 7.81 -6.49
CA PHE A 60 28.79 7.81 -7.49
C PHE A 60 28.71 9.16 -8.19
N LYS A 61 28.32 9.13 -9.46
CA LYS A 61 28.14 10.37 -10.21
C LYS A 61 26.68 10.75 -10.41
N THR A 62 25.75 9.86 -10.10
CA THR A 62 24.34 10.03 -10.46
C THR A 62 23.42 9.52 -9.37
N ILE A 63 22.33 10.23 -9.16
CA ILE A 63 21.19 9.74 -8.40
C ILE A 63 20.05 9.47 -9.36
N ARG A 64 19.48 8.26 -9.29
CA ARG A 64 18.20 8.01 -9.90
C ARG A 64 17.14 8.22 -8.83
N LEU A 65 16.13 9.03 -9.16
CA LEU A 65 15.11 9.47 -8.20
C LEU A 65 13.79 8.89 -8.65
N PRO A 66 13.41 7.70 -8.17
CA PRO A 66 12.09 7.18 -8.50
C PRO A 66 11.02 8.04 -7.83
N VAL A 67 10.06 8.48 -8.64
CA VAL A 67 8.99 9.34 -8.19
C VAL A 67 7.69 8.77 -8.71
N SER A 68 6.79 8.43 -7.78
CA SER A 68 5.44 8.04 -8.14
C SER A 68 4.54 9.25 -7.92
N TRP A 69 3.98 9.77 -9.01
CA TRP A 69 3.28 11.04 -8.99
C TRP A 69 1.77 10.91 -8.81
N THR A 70 1.20 9.73 -9.09
CA THR A 70 -0.24 9.61 -9.23
C THR A 70 -0.97 9.94 -7.93
N HIS A 71 -0.41 9.58 -6.77
CA HIS A 71 -1.08 9.92 -5.51
C HIS A 71 -0.97 11.40 -5.19
N HIS A 72 -0.18 12.16 -5.96
CA HIS A 72 0.05 13.57 -5.68
C HIS A 72 -0.55 14.49 -6.74
N ALA A 73 -1.47 13.98 -7.57
CA ALA A 73 -2.03 14.74 -8.66
C ALA A 73 -3.54 14.64 -8.64
N GLY A 74 -4.20 15.74 -9.02
CA GLY A 74 -5.65 15.73 -9.12
C GLY A 74 -6.16 14.58 -9.98
N ARG A 75 -7.27 13.98 -9.55
CA ARG A 75 -7.91 12.92 -10.32
C ARG A 75 -8.68 13.47 -11.49
N ALA A 76 -9.02 14.75 -11.47
CA ALA A 76 -9.77 15.38 -12.55
C ALA A 76 -8.86 16.36 -13.26
N ALA A 77 -9.13 16.58 -14.54
CA ALA A 77 -8.36 17.52 -15.32
C ALA A 77 -8.33 18.87 -14.62
N PRO A 78 -7.21 19.61 -14.67
CA PRO A 78 -5.98 19.34 -15.43
C PRO A 78 -4.94 18.50 -14.67
N TYR A 79 -5.38 17.73 -13.67
CA TYR A 79 -4.53 16.75 -12.99
C TYR A 79 -3.31 17.40 -12.35
N THR A 80 -3.52 18.52 -11.69
CA THR A 80 -2.40 19.29 -11.19
C THR A 80 -1.68 18.55 -10.07
N ILE A 81 -0.36 18.57 -10.12
CA ILE A 81 0.49 17.94 -9.12
C ILE A 81 0.56 18.86 -7.91
N ASP A 82 0.41 18.29 -6.72
CA ASP A 82 0.57 18.94 -5.42
C ASP A 82 1.82 19.84 -5.42
N PRO A 83 1.67 21.16 -5.27
CA PRO A 83 2.86 22.03 -5.25
C PRO A 83 3.87 21.66 -4.17
N ALA A 84 3.43 21.21 -2.99
CA ALA A 84 4.39 20.79 -1.96
C ALA A 84 5.20 19.56 -2.41
N PHE A 85 4.55 18.62 -3.09
CA PHE A 85 5.30 17.46 -3.60
C PHE A 85 6.26 17.87 -4.70
N PHE A 86 5.78 18.71 -5.63
CA PHE A 86 6.66 19.24 -6.65
C PHE A 86 7.87 19.93 -6.03
N SER A 87 7.64 20.66 -4.94
CA SER A 87 8.73 21.36 -4.26
C SER A 87 9.73 20.38 -3.67
N ARG A 88 9.25 19.25 -3.16
CA ARG A 88 10.16 18.22 -2.67
C ARG A 88 11.03 17.66 -3.80
N VAL A 89 10.42 17.44 -4.98
CA VAL A 89 11.26 17.01 -6.10
C VAL A 89 12.24 18.12 -6.51
N ASP A 90 11.79 19.39 -6.53
CA ASP A 90 12.70 20.52 -6.75
C ASP A 90 13.91 20.42 -5.83
N TRP A 91 13.62 20.18 -4.55
CA TRP A 91 14.68 20.10 -3.54
C TRP A 91 15.67 18.97 -3.88
N ALA A 92 15.17 17.79 -4.26
CA ALA A 92 16.09 16.71 -4.59
C ALA A 92 16.96 17.06 -5.80
N VAL A 93 16.34 17.66 -6.82
CA VAL A 93 17.10 18.11 -7.98
C VAL A 93 18.20 19.08 -7.56
N THR A 94 17.85 20.01 -6.65
CA THR A 94 18.82 21.00 -6.20
C THR A 94 19.97 20.36 -5.43
N GLN A 95 19.66 19.43 -4.52
CA GLN A 95 20.71 18.82 -3.70
C GLN A 95 21.66 17.99 -4.55
N ALA A 96 21.11 17.31 -5.56
CA ALA A 96 21.96 16.56 -6.49
C ALA A 96 22.86 17.52 -7.26
N THR A 97 22.25 18.52 -7.89
CA THR A 97 23.04 19.44 -8.72
C THR A 97 24.10 20.15 -7.91
N ARG A 98 23.75 20.63 -6.71
CA ARG A 98 24.72 21.36 -5.93
C ARG A 98 25.85 20.46 -5.47
N ARG A 99 25.65 19.14 -5.45
CA ARG A 99 26.79 18.29 -5.13
C ARG A 99 27.49 17.75 -6.36
N GLY A 100 27.23 18.34 -7.54
CA GLY A 100 27.86 17.90 -8.76
C GLY A 100 27.39 16.55 -9.26
N LEU A 101 26.20 16.10 -8.86
CA LEU A 101 25.62 14.83 -9.28
C LEU A 101 24.63 15.04 -10.41
N ASN A 102 24.52 14.04 -11.30
CA ASN A 102 23.39 14.00 -12.21
C ASN A 102 22.15 13.53 -11.43
N ILE A 103 20.97 13.80 -11.99
CA ILE A 103 19.76 13.23 -11.42
C ILE A 103 18.80 12.84 -12.55
N VAL A 104 18.27 11.63 -12.44
CA VAL A 104 17.26 11.08 -13.31
C VAL A 104 15.92 11.21 -12.59
N VAL A 105 14.99 11.95 -13.18
CA VAL A 105 13.64 12.09 -12.63
C VAL A 105 12.74 11.24 -13.51
N ASN A 106 12.01 10.30 -12.91
CA ASN A 106 11.14 9.44 -13.69
C ASN A 106 9.69 9.60 -13.24
N VAL A 107 8.81 8.89 -13.96
CA VAL A 107 7.51 8.47 -13.47
C VAL A 107 7.65 6.98 -13.13
N HIS A 108 7.42 6.61 -11.87
CA HIS A 108 7.82 5.28 -11.43
C HIS A 108 6.62 4.33 -11.31
N HIS A 109 6.12 4.08 -10.11
CA HIS A 109 4.91 3.26 -9.99
C HIS A 109 3.70 4.07 -10.43
N TYR A 110 2.78 3.41 -11.14
CA TYR A 110 1.60 4.04 -11.68
C TYR A 110 0.59 2.94 -12.00
N ASP A 111 0.00 2.37 -10.94
CA ASP A 111 -0.84 1.18 -11.12
C ASP A 111 -1.95 1.42 -12.13
N GLU A 112 -2.56 2.62 -12.08
CA GLU A 112 -3.68 2.90 -12.97
C GLU A 112 -3.26 2.88 -14.44
N LEU A 113 -2.08 3.40 -14.75
CA LEU A 113 -1.64 3.46 -16.14
C LEU A 113 -1.30 2.07 -16.67
N ASN A 114 -0.59 1.28 -15.87
CA ASN A 114 -0.28 -0.07 -16.30
C ASN A 114 -1.55 -0.90 -16.46
N ALA A 115 -2.55 -0.65 -15.60
CA ALA A 115 -3.80 -1.42 -15.67
C ALA A 115 -4.67 -0.99 -16.85
N ASN A 116 -4.65 0.29 -17.22
CA ASN A 116 -5.46 0.75 -18.35
C ASN A 116 -4.76 1.90 -19.04
N PRO A 117 -3.86 1.61 -19.99
CA PRO A 117 -3.10 2.69 -20.63
C PRO A 117 -3.97 3.71 -21.36
N GLN A 118 -5.01 3.24 -22.06
CA GLN A 118 -5.86 4.16 -22.83
C GLN A 118 -6.62 5.10 -21.90
N ALA A 119 -7.21 4.55 -20.84
CA ALA A 119 -8.02 5.38 -19.94
C ALA A 119 -7.16 6.40 -19.20
N GLU A 120 -5.95 6.01 -18.78
CA GLU A 120 -5.11 6.86 -17.94
C GLU A 120 -4.17 7.74 -18.76
N GLU A 121 -4.17 7.58 -20.09
CA GLU A 121 -3.23 8.29 -20.96
C GLU A 121 -3.23 9.79 -20.74
N ALA A 122 -4.41 10.41 -20.73
CA ALA A 122 -4.46 11.88 -20.67
C ALA A 122 -3.87 12.39 -19.36
N ARG A 123 -4.18 11.71 -18.25
CA ARG A 123 -3.62 12.11 -16.97
C ARG A 123 -2.11 11.94 -16.94
N TYR A 124 -1.61 10.81 -17.46
CA TYR A 124 -0.16 10.59 -17.53
C TYR A 124 0.52 11.65 -18.39
N LEU A 125 -0.05 11.98 -19.54
CA LEU A 125 0.56 12.97 -20.42
C LEU A 125 0.54 14.35 -19.79
N SER A 126 -0.52 14.66 -19.03
CA SER A 126 -0.55 15.93 -18.33
C SER A 126 0.54 15.97 -17.26
N ILE A 127 0.72 14.85 -16.56
CA ILE A 127 1.79 14.77 -15.58
C ILE A 127 3.15 15.05 -16.25
N TRP A 128 3.38 14.42 -17.41
CA TRP A 128 4.67 14.63 -18.07
C TRP A 128 4.80 16.07 -18.57
N ARG A 129 3.71 16.67 -19.06
CA ARG A 129 3.80 18.07 -19.48
C ARG A 129 4.15 18.98 -18.31
N GLN A 130 3.55 18.74 -17.13
CA GLN A 130 3.90 19.53 -15.96
C GLN A 130 5.36 19.34 -15.59
N ILE A 131 5.83 18.09 -15.58
CA ILE A 131 7.23 17.82 -15.21
C ILE A 131 8.18 18.47 -16.21
N ALA A 132 7.92 18.28 -17.51
CA ALA A 132 8.83 18.79 -18.54
C ALA A 132 8.88 20.31 -18.53
N GLU A 133 7.71 20.96 -18.44
CA GLU A 133 7.69 22.43 -18.38
C GLU A 133 8.38 22.93 -17.12
N ARG A 134 8.18 22.25 -16.00
CA ARG A 134 8.78 22.73 -14.76
C ARG A 134 10.31 22.67 -14.80
N TYR A 135 10.89 21.64 -15.42
CA TYR A 135 12.33 21.44 -15.39
C TYR A 135 12.98 21.81 -16.74
N ARG A 136 12.28 22.56 -17.58
CA ARG A 136 12.71 22.80 -18.96
C ARG A 136 14.07 23.49 -19.04
N ASN A 137 14.42 24.30 -18.04
CA ASN A 137 15.65 25.06 -18.05
C ASN A 137 16.75 24.44 -17.19
N GLN A 138 16.55 23.24 -16.67
CA GLN A 138 17.61 22.57 -15.93
C GLN A 138 18.75 22.22 -16.87
N PRO A 139 19.98 22.15 -16.35
CA PRO A 139 21.12 21.76 -17.20
C PRO A 139 21.08 20.30 -17.65
N GLY A 140 22.07 19.90 -18.45
CA GLY A 140 22.15 18.56 -19.00
C GLY A 140 22.39 17.47 -17.98
N SER A 141 22.67 17.86 -16.73
CA SER A 141 22.80 16.88 -15.66
C SER A 141 21.45 16.37 -15.15
N VAL A 142 20.33 16.93 -15.63
CA VAL A 142 18.99 16.46 -15.27
C VAL A 142 18.44 15.68 -16.46
N TYR A 143 18.04 14.44 -16.21
CA TYR A 143 17.54 13.49 -17.20
C TYR A 143 16.10 13.15 -16.90
N PHE A 144 15.30 12.89 -17.94
CA PHE A 144 13.92 12.43 -17.77
C PHE A 144 13.86 10.93 -18.07
N GLU A 145 12.96 10.22 -17.37
CA GLU A 145 12.75 8.80 -17.65
C GLU A 145 11.25 8.54 -17.72
N LEU A 146 10.74 8.16 -18.89
CA LEU A 146 9.32 8.30 -19.18
C LEU A 146 8.43 7.40 -18.32
N LEU A 147 8.78 6.11 -18.18
CA LEU A 147 7.95 5.23 -17.35
C LEU A 147 8.74 4.04 -16.86
N ASN A 148 8.94 3.95 -15.55
CA ASN A 148 9.59 2.79 -14.98
C ASN A 148 8.79 1.52 -15.28
N GLU A 149 9.49 0.50 -15.77
CA GLU A 149 9.04 -0.89 -15.81
C GLU A 149 7.60 -1.05 -16.28
N PRO A 150 7.29 -0.69 -17.53
CA PRO A 150 5.92 -0.93 -18.03
C PRO A 150 5.56 -2.39 -17.90
N HIS A 151 4.33 -2.64 -17.46
CA HIS A 151 3.83 -4.00 -17.22
C HIS A 151 2.32 -4.00 -17.44
N GLY A 152 1.63 -4.99 -16.85
CA GLY A 152 0.18 -5.04 -17.01
C GLY A 152 -0.20 -5.17 -18.48
N ARG A 153 -1.09 -4.27 -18.92
CA ARG A 153 -1.55 -4.26 -20.31
C ARG A 153 -0.39 -4.06 -21.27
N PHE A 154 0.63 -3.32 -20.84
CA PHE A 154 1.81 -3.15 -21.68
C PHE A 154 2.50 -4.47 -21.96
N ASN A 155 2.47 -5.40 -21.00
CA ASN A 155 3.02 -6.73 -21.25
C ASN A 155 2.18 -7.47 -22.28
N ASP A 156 0.84 -7.32 -22.20
CA ASP A 156 -0.06 -8.01 -23.14
C ASP A 156 0.16 -7.51 -24.55
N ASN A 157 0.32 -6.21 -24.71
CA ASN A 157 0.44 -5.60 -26.03
C ASN A 157 1.53 -4.55 -25.96
N PRO A 158 2.77 -4.92 -26.27
CA PRO A 158 3.89 -3.97 -26.21
C PRO A 158 3.72 -2.75 -27.08
N GLN A 159 2.92 -2.87 -28.14
CA GLN A 159 2.72 -1.72 -29.00
C GLN A 159 1.97 -0.60 -28.27
N LEU A 160 1.17 -0.92 -27.26
CA LEU A 160 0.58 0.13 -26.43
C LEU A 160 1.66 1.02 -25.83
N TRP A 161 2.73 0.40 -25.33
CA TRP A 161 3.83 1.18 -24.77
C TRP A 161 4.62 1.89 -25.86
N ASN A 162 4.84 1.25 -27.02
CA ASN A 162 5.53 1.96 -28.09
C ASN A 162 4.79 3.25 -28.47
N ASP A 163 3.47 3.15 -28.61
CA ASP A 163 2.68 4.32 -29.00
C ASP A 163 2.67 5.37 -27.91
N LEU A 164 2.46 4.94 -26.66
CA LEU A 164 2.41 5.87 -25.55
C LEU A 164 3.75 6.57 -25.35
N LEU A 165 4.85 5.83 -25.39
CA LEU A 165 6.13 6.48 -25.19
C LEU A 165 6.38 7.52 -26.28
N ALA A 166 5.97 7.23 -27.53
CA ALA A 166 6.11 8.25 -28.56
C ALA A 166 5.30 9.51 -28.23
N LYS A 167 4.06 9.34 -27.76
CA LYS A 167 3.25 10.50 -27.42
C LYS A 167 3.86 11.29 -26.26
N ALA A 168 4.29 10.59 -25.22
CA ALA A 168 4.90 11.25 -24.07
C ALA A 168 6.19 11.96 -24.48
N LEU A 169 6.96 11.35 -25.38
CA LEU A 169 8.16 12.00 -25.88
C LEU A 169 7.82 13.29 -26.61
N ARG A 170 6.78 13.27 -27.45
CA ARG A 170 6.40 14.51 -28.14
C ARG A 170 6.02 15.58 -27.12
N VAL A 171 5.24 15.21 -26.10
CA VAL A 171 4.91 16.18 -25.05
C VAL A 171 6.19 16.75 -24.42
N VAL A 172 7.13 15.88 -24.04
CA VAL A 172 8.35 16.38 -23.41
C VAL A 172 9.11 17.31 -24.33
N ARG A 173 9.22 16.93 -25.60
CA ARG A 173 10.00 17.69 -26.58
C ARG A 173 9.38 19.05 -26.87
N GLU A 174 8.07 19.22 -26.64
CA GLU A 174 7.47 20.54 -26.79
C GLU A 174 8.23 21.59 -25.99
N SER A 175 8.74 21.24 -24.81
CA SER A 175 9.45 22.18 -23.95
C SER A 175 10.91 21.85 -23.70
N ASN A 176 11.33 20.59 -23.91
CA ASN A 176 12.71 20.16 -23.69
C ASN A 176 13.18 19.55 -25.01
N PRO A 177 13.55 20.39 -25.98
CA PRO A 177 13.78 19.87 -27.33
C PRO A 177 14.92 18.88 -27.42
N SER A 178 15.88 18.88 -26.48
CA SER A 178 17.02 17.99 -26.60
C SER A 178 17.46 17.28 -25.31
N ARG A 179 16.74 17.41 -24.20
CA ARG A 179 17.15 16.72 -22.98
C ARG A 179 17.18 15.20 -23.17
N ALA A 180 18.16 14.56 -22.55
CA ALA A 180 18.21 13.10 -22.56
C ALA A 180 16.93 12.52 -21.96
N VAL A 181 16.30 11.59 -22.68
CA VAL A 181 15.10 10.90 -22.21
C VAL A 181 15.38 9.41 -22.21
N ILE A 182 15.11 8.77 -21.08
CA ILE A 182 15.43 7.37 -20.85
C ILE A 182 14.15 6.56 -21.05
N VAL A 183 14.24 5.52 -21.86
CA VAL A 183 13.10 4.70 -22.26
C VAL A 183 13.48 3.23 -22.19
N GLY A 184 12.60 2.39 -21.67
CA GLY A 184 12.88 0.99 -21.62
C GLY A 184 11.78 0.12 -22.22
N PRO A 185 12.04 -1.18 -22.29
CA PRO A 185 11.04 -2.11 -22.84
C PRO A 185 10.02 -2.56 -21.81
N VAL A 186 9.01 -3.31 -22.26
CA VAL A 186 8.00 -3.84 -21.34
C VAL A 186 8.60 -5.03 -20.59
N GLY A 187 7.75 -5.83 -19.95
CA GLY A 187 8.25 -6.87 -19.08
C GLY A 187 9.00 -6.32 -17.88
N TRP A 188 8.55 -5.18 -17.35
CA TRP A 188 9.24 -4.50 -16.26
C TRP A 188 10.67 -4.11 -16.66
N ASN A 189 10.81 -3.50 -17.84
CA ASN A 189 12.11 -3.12 -18.37
C ASN A 189 13.04 -4.32 -18.51
N SER A 190 12.49 -5.42 -19.04
CA SER A 190 13.29 -6.63 -19.26
C SER A 190 14.12 -6.52 -20.54
N LEU A 191 15.43 -6.79 -20.44
CA LEU A 191 16.23 -6.74 -21.66
C LEU A 191 15.74 -7.75 -22.69
N TRP A 192 15.15 -8.87 -22.22
CA TRP A 192 14.67 -9.91 -23.12
C TRP A 192 13.51 -9.44 -23.97
N ARG A 193 12.93 -8.28 -23.69
CA ARG A 193 11.85 -7.76 -24.53
C ARG A 193 12.28 -6.55 -25.34
N LEU A 194 13.59 -6.28 -25.39
CA LEU A 194 14.06 -5.17 -26.22
C LEU A 194 13.55 -5.29 -27.65
N SER A 195 13.51 -6.51 -28.20
CA SER A 195 13.13 -6.61 -29.62
C SER A 195 11.70 -6.18 -29.85
N GLU A 196 10.87 -6.12 -28.81
CA GLU A 196 9.52 -5.61 -29.03
C GLU A 196 9.46 -4.10 -28.88
N LEU A 197 10.51 -3.48 -28.37
CA LEU A 197 10.53 -2.03 -28.24
C LEU A 197 10.71 -1.37 -29.61
N ARG A 198 9.95 -0.30 -29.85
CA ARG A 198 10.07 0.50 -31.06
C ARG A 198 10.16 1.95 -30.65
N LEU A 199 11.17 2.64 -31.13
CA LEU A 199 11.42 4.02 -30.72
C LEU A 199 11.28 4.96 -31.90
N PRO A 200 10.85 6.19 -31.68
CA PRO A 200 10.94 7.19 -32.76
C PRO A 200 12.40 7.53 -33.03
N ASP A 201 12.62 8.19 -34.17
CA ASP A 201 14.00 8.50 -34.57
C ASP A 201 14.58 9.70 -33.80
N ASP A 202 14.07 9.98 -32.62
CA ASP A 202 14.63 11.04 -31.79
C ASP A 202 16.09 10.73 -31.48
N PRO A 203 17.01 11.69 -31.67
CA PRO A 203 18.42 11.40 -31.43
C PRO A 203 18.83 11.43 -29.96
N ASN A 204 17.95 11.84 -29.06
CA ASN A 204 18.38 12.05 -27.68
C ASN A 204 17.67 11.13 -26.69
N LEU A 205 17.67 9.85 -27.04
CA LEU A 205 17.10 8.78 -26.24
C LEU A 205 18.20 7.90 -25.68
N ILE A 206 18.05 7.50 -24.42
CA ILE A 206 18.89 6.49 -23.78
C ILE A 206 17.99 5.31 -23.46
N VAL A 207 18.42 4.11 -23.80
CA VAL A 207 17.62 2.90 -23.60
C VAL A 207 18.02 2.28 -22.28
N THR A 208 17.03 1.84 -21.51
CA THR A 208 17.30 1.28 -20.21
C THR A 208 16.72 -0.11 -20.10
N PHE A 209 17.39 -0.94 -19.31
CA PHE A 209 16.77 -2.18 -18.84
C PHE A 209 17.19 -2.36 -17.39
N HIS A 210 16.47 -3.24 -16.68
CA HIS A 210 16.79 -3.57 -15.31
C HIS A 210 17.26 -5.00 -15.23
N TYR A 211 18.08 -5.30 -14.23
CA TYR A 211 18.71 -6.62 -14.20
C TYR A 211 18.66 -7.23 -12.80
N TYR A 212 17.90 -8.32 -12.67
CA TYR A 212 17.79 -9.06 -11.42
C TYR A 212 17.99 -10.56 -11.61
N ASP A 213 18.48 -10.99 -12.78
CA ASP A 213 18.65 -12.42 -13.00
C ASP A 213 19.83 -12.93 -12.17
N PRO A 214 19.73 -14.11 -11.54
CA PRO A 214 18.56 -14.99 -11.50
C PRO A 214 17.62 -14.56 -10.37
N LEU A 215 16.32 -14.47 -10.67
CA LEU A 215 15.34 -14.00 -9.68
C LEU A 215 15.34 -14.87 -8.43
N GLU A 216 15.50 -16.19 -8.60
CA GLU A 216 15.56 -17.09 -7.45
C GLU A 216 16.56 -16.61 -6.41
N PHE A 217 17.63 -15.95 -6.83
CA PHE A 217 18.62 -15.44 -5.89
C PHE A 217 18.34 -14.00 -5.46
N THR A 218 18.15 -13.08 -6.42
CA THR A 218 18.08 -11.66 -6.08
C THR A 218 16.81 -11.31 -5.31
N HIS A 219 15.72 -12.05 -5.53
CA HIS A 219 14.47 -11.77 -4.86
C HIS A 219 14.08 -12.88 -3.89
N GLN A 220 15.04 -13.68 -3.45
CA GLN A 220 14.72 -14.69 -2.45
C GLN A 220 14.15 -14.02 -1.20
N GLY A 221 13.16 -14.66 -0.59
CA GLY A 221 12.59 -14.11 0.62
C GLY A 221 11.77 -12.86 0.42
N ALA A 222 11.47 -12.49 -0.83
CA ALA A 222 10.70 -11.29 -1.12
C ALA A 222 9.32 -11.30 -0.46
N GLU A 223 9.12 -10.49 0.58
CA GLU A 223 7.82 -10.51 1.27
C GLU A 223 6.69 -9.95 0.42
N TRP A 224 7.00 -9.19 -0.64
CA TRP A 224 5.94 -8.62 -1.47
C TRP A 224 5.30 -9.64 -2.40
N LEU A 225 5.77 -10.87 -2.44
CA LEU A 225 5.17 -11.89 -3.28
C LEU A 225 4.37 -12.87 -2.43
N ASN A 226 3.40 -13.50 -3.06
CA ASN A 226 2.57 -14.51 -2.42
C ASN A 226 2.50 -15.73 -3.33
N PRO A 227 3.15 -16.85 -2.98
CA PRO A 227 3.91 -17.09 -1.74
C PRO A 227 5.29 -16.45 -1.74
N VAL A 228 5.87 -16.33 -0.56
CA VAL A 228 7.24 -15.79 -0.43
C VAL A 228 8.23 -16.81 -0.95
N PRO A 229 9.14 -16.44 -1.86
CA PRO A 229 10.09 -17.42 -2.40
C PRO A 229 11.06 -17.88 -1.32
N PRO A 230 11.59 -19.10 -1.44
CA PRO A 230 12.52 -19.61 -0.43
C PRO A 230 13.81 -18.81 -0.39
N THR A 231 14.45 -18.86 0.77
CA THR A 231 15.74 -18.25 1.02
C THR A 231 16.82 -19.31 1.07
N GLY A 232 17.99 -18.93 1.58
CA GLY A 232 19.11 -19.85 1.56
C GLY A 232 19.65 -20.16 0.18
N VAL A 233 19.30 -19.34 -0.81
CA VAL A 233 19.84 -19.49 -2.17
C VAL A 233 21.19 -18.79 -2.23
N VAL A 234 22.23 -19.52 -2.62
CA VAL A 234 23.59 -19.01 -2.72
C VAL A 234 23.84 -18.61 -4.17
N TRP A 235 24.72 -17.64 -4.37
CA TRP A 235 25.19 -17.28 -5.71
C TRP A 235 26.70 -17.37 -5.77
N ARG A 236 27.21 -18.05 -6.80
CA ARG A 236 28.63 -18.21 -7.03
C ARG A 236 28.86 -18.28 -8.53
N GLU A 237 29.96 -17.69 -8.97
CA GLU A 237 30.26 -17.57 -10.39
C GLU A 237 30.22 -18.93 -11.08
N ASN A 238 30.64 -19.99 -10.38
CA ASN A 238 30.80 -21.33 -10.95
C ASN A 238 29.57 -22.21 -10.80
N GLN A 239 28.53 -21.74 -10.13
CA GLN A 239 27.29 -22.48 -9.99
C GLN A 239 26.68 -22.76 -11.35
N GLY A 240 25.97 -23.87 -11.45
CA GLY A 240 25.19 -24.16 -12.63
C GLY A 240 24.08 -23.13 -12.85
N ALA A 241 23.72 -22.93 -14.11
CA ALA A 241 22.71 -21.97 -14.50
C ALA A 241 22.14 -22.37 -15.86
N PHE A 242 20.93 -21.93 -16.12
CA PHE A 242 20.41 -22.00 -17.49
C PHE A 242 21.00 -20.86 -18.32
N ALA A 243 21.05 -21.06 -19.63
CA ALA A 243 21.50 -19.99 -20.52
C ALA A 243 20.67 -18.74 -20.26
N ALA A 244 21.27 -17.58 -20.49
CA ALA A 244 20.64 -16.32 -20.13
C ALA A 244 19.30 -16.13 -20.83
N GLY A 245 18.30 -15.68 -20.08
CA GLY A 245 16.99 -15.44 -20.61
C GLY A 245 16.07 -16.65 -20.65
N TRP A 246 16.57 -17.85 -20.38
CA TRP A 246 15.71 -19.03 -20.31
C TRP A 246 15.28 -19.18 -18.87
N GLN A 247 14.00 -18.89 -18.60
CA GLN A 247 13.41 -18.94 -17.28
C GLN A 247 12.89 -20.34 -17.02
N ASN A 248 12.99 -20.75 -15.77
CA ASN A 248 12.52 -22.06 -15.37
C ASN A 248 11.02 -21.94 -15.10
N TRP A 249 10.20 -22.36 -16.08
CA TRP A 249 8.76 -22.44 -15.89
C TRP A 249 8.29 -23.86 -15.58
N SER A 250 9.15 -24.69 -14.96
CA SER A 250 8.76 -26.07 -14.71
C SER A 250 7.57 -26.17 -13.75
N TRP A 251 6.79 -27.24 -13.90
CA TRP A 251 5.66 -27.51 -13.04
C TRP A 251 5.67 -28.95 -12.57
N GLY A 252 5.16 -29.17 -11.36
CA GLY A 252 5.03 -30.50 -10.82
C GLY A 252 6.34 -31.22 -10.59
N SER A 253 7.44 -30.47 -10.51
CA SER A 253 8.79 -31.03 -10.53
C SER A 253 9.69 -30.30 -9.55
N ARG A 254 10.67 -31.03 -9.03
CA ARG A 254 11.81 -30.40 -8.38
C ARG A 254 12.91 -30.30 -9.43
N VAL A 255 13.33 -29.07 -9.75
CA VAL A 255 14.34 -28.85 -10.77
C VAL A 255 15.44 -28.00 -10.15
N GLY A 256 16.67 -28.49 -10.22
CA GLY A 256 17.71 -27.68 -9.61
C GLY A 256 19.11 -28.19 -9.89
N PHE A 257 20.09 -27.30 -9.90
CA PHE A 257 21.47 -27.73 -10.00
C PHE A 257 21.96 -28.15 -8.62
N VAL A 258 22.63 -29.28 -8.58
CA VAL A 258 23.34 -29.75 -7.39
C VAL A 258 24.76 -30.01 -7.89
N GLY A 259 25.69 -29.17 -7.45
CA GLY A 259 27.01 -29.22 -8.03
C GLY A 259 26.89 -28.96 -9.52
N GLU A 260 27.50 -29.83 -10.32
CA GLU A 260 27.48 -29.70 -11.76
C GLU A 260 26.25 -30.32 -12.41
N ALA A 261 25.31 -30.84 -11.64
CA ALA A 261 24.26 -31.65 -12.25
C ALA A 261 22.93 -30.90 -12.18
N LEU A 262 22.16 -30.99 -13.26
CA LEU A 262 20.77 -30.56 -13.23
C LEU A 262 19.90 -31.75 -12.85
N GLU A 263 19.37 -31.74 -11.63
CA GLU A 263 18.49 -32.80 -11.14
C GLU A 263 17.04 -32.47 -11.44
N ILE A 264 16.32 -33.45 -11.98
CA ILE A 264 14.90 -33.34 -12.28
C ILE A 264 14.16 -34.49 -11.59
N THR A 265 13.24 -34.14 -10.69
CA THR A 265 12.32 -35.09 -10.09
C THR A 265 10.91 -34.73 -10.55
N TYR A 266 10.32 -35.57 -11.41
CA TYR A 266 8.91 -35.41 -11.78
C TYR A 266 8.06 -35.88 -10.61
N GLN A 267 7.40 -34.96 -9.92
CA GLN A 267 6.71 -35.32 -8.68
C GLN A 267 5.25 -35.71 -8.87
N GLU A 268 4.74 -35.69 -10.09
CA GLU A 268 3.34 -36.01 -10.34
C GLU A 268 3.23 -36.42 -11.80
N GLY A 269 2.11 -37.05 -12.13
CA GLY A 269 1.85 -37.41 -13.51
C GLY A 269 1.93 -36.21 -14.43
N TRP A 270 2.57 -36.37 -15.59
CA TRP A 270 2.61 -35.37 -16.66
C TRP A 270 3.35 -34.09 -16.23
N ALA A 271 4.17 -34.15 -15.20
CA ALA A 271 4.99 -33.01 -14.79
C ALA A 271 5.92 -32.60 -15.91
N GLY A 272 6.34 -31.33 -15.89
CA GLY A 272 7.15 -30.85 -16.99
C GLY A 272 8.39 -30.06 -16.61
N PHE A 273 9.54 -30.40 -17.19
CA PHE A 273 10.70 -29.52 -17.17
C PHE A 273 10.53 -28.53 -18.30
N TYR A 274 10.55 -27.22 -17.99
CA TYR A 274 10.05 -26.24 -18.93
C TYR A 274 10.91 -24.98 -18.85
N LEU A 275 11.62 -24.67 -19.95
CA LEU A 275 12.37 -23.42 -20.08
C LEU A 275 11.64 -22.50 -21.04
N HIS A 276 11.51 -21.22 -20.66
CA HIS A 276 10.81 -20.24 -21.48
C HIS A 276 11.70 -19.03 -21.65
N SER A 277 11.81 -18.53 -22.87
CA SER A 277 12.53 -17.28 -23.12
C SER A 277 11.59 -16.23 -23.72
N ASP A 278 11.59 -15.03 -23.14
CA ASP A 278 10.85 -13.91 -23.72
C ASP A 278 11.47 -13.46 -25.04
N ALA A 279 12.77 -13.66 -25.22
CA ALA A 279 13.44 -13.30 -26.47
C ALA A 279 13.28 -14.39 -27.53
N GLY A 280 13.51 -15.65 -27.15
CA GLY A 280 13.51 -16.73 -28.11
C GLY A 280 14.77 -16.76 -28.97
N VAL A 281 14.83 -17.74 -29.86
CA VAL A 281 16.00 -17.93 -30.72
C VAL A 281 15.54 -18.45 -32.07
N GLU A 282 16.33 -18.13 -33.10
CA GLU A 282 16.11 -18.63 -34.45
C GLU A 282 17.38 -19.28 -34.97
N GLY A 283 17.21 -20.12 -36.00
CA GLY A 283 18.34 -20.71 -36.67
C GLY A 283 18.73 -22.10 -36.22
N TYR A 284 17.98 -22.72 -35.33
CA TYR A 284 18.24 -24.09 -34.89
C TYR A 284 17.20 -25.02 -35.47
N ASP A 285 17.63 -26.26 -35.71
CA ASP A 285 16.76 -27.29 -36.24
C ASP A 285 16.71 -28.57 -35.40
N ARG A 286 17.55 -28.71 -34.37
CA ARG A 286 17.56 -29.92 -33.55
C ARG A 286 17.79 -29.59 -32.08
N LEU A 287 17.27 -30.46 -31.22
CA LEU A 287 17.45 -30.38 -29.77
C LEU A 287 18.17 -31.64 -29.33
N ALA A 288 19.29 -31.49 -28.64
CA ALA A 288 20.06 -32.63 -28.16
C ALA A 288 20.06 -32.63 -26.64
N PHE A 289 19.85 -33.80 -26.05
CA PHE A 289 19.95 -33.88 -24.59
C PHE A 289 20.34 -35.28 -24.18
N ARG A 290 20.79 -35.38 -22.94
CA ARG A 290 21.28 -36.64 -22.42
C ARG A 290 20.88 -36.70 -20.96
N THR A 291 20.39 -37.87 -20.53
CA THR A 291 19.92 -38.09 -19.18
C THR A 291 20.75 -39.21 -18.56
N SER A 292 20.81 -39.23 -17.23
CA SER A 292 21.61 -40.24 -16.54
C SER A 292 20.97 -41.61 -16.59
N ALA A 293 19.66 -41.68 -16.74
CA ALA A 293 18.89 -42.91 -16.74
C ALA A 293 18.00 -42.86 -17.97
N PRO A 294 17.47 -44.01 -18.41
CA PRO A 294 16.49 -43.98 -19.50
C PRO A 294 15.20 -43.33 -19.02
N VAL A 295 14.77 -42.29 -19.72
CA VAL A 295 13.61 -41.51 -19.30
C VAL A 295 12.64 -41.46 -20.46
N SER A 296 11.36 -41.68 -20.17
CA SER A 296 10.32 -41.60 -21.19
C SER A 296 9.71 -40.21 -21.13
N LEU A 297 9.83 -39.47 -22.23
CA LEU A 297 9.52 -38.05 -22.31
C LEU A 297 8.52 -37.77 -23.42
N GLN A 298 7.80 -36.66 -23.24
CA GLN A 298 7.13 -35.93 -24.32
C GLN A 298 7.92 -34.64 -24.52
N VAL A 299 8.45 -34.45 -25.73
CA VAL A 299 9.29 -33.30 -26.06
C VAL A 299 8.45 -32.30 -26.84
N SER A 300 8.44 -31.04 -26.37
CA SER A 300 7.68 -30.01 -27.08
C SER A 300 8.48 -28.72 -27.13
N CYS A 301 8.57 -28.15 -28.33
CA CYS A 301 9.26 -26.88 -28.52
C CYS A 301 8.35 -25.83 -29.12
N ARG A 302 7.05 -25.96 -28.91
CA ARG A 302 6.11 -24.94 -29.33
C ARG A 302 4.83 -25.16 -28.54
N ARG A 303 4.35 -24.13 -27.84
CA ARG A 303 3.16 -24.27 -27.01
C ARG A 303 1.94 -24.64 -27.86
N ASP A 304 1.14 -25.55 -27.33
CA ASP A 304 -0.12 -25.99 -27.95
C ASP A 304 0.08 -26.66 -29.30
N ALA A 305 1.30 -27.08 -29.59
CA ALA A 305 1.66 -27.93 -30.71
C ALA A 305 1.79 -29.38 -30.26
N PRO A 306 1.67 -30.33 -31.18
CA PRO A 306 1.82 -31.75 -30.81
C PRO A 306 3.25 -32.08 -30.38
N ALA A 307 3.36 -32.74 -29.22
CA ALA A 307 4.63 -33.18 -28.65
C ALA A 307 5.07 -34.50 -29.28
N LYS A 308 6.37 -34.76 -29.24
CA LYS A 308 6.92 -36.02 -29.74
C LYS A 308 7.36 -36.91 -28.59
N ALA A 309 6.90 -38.16 -28.60
CA ALA A 309 7.29 -39.14 -27.58
C ALA A 309 8.67 -39.70 -27.88
N VAL A 310 9.57 -39.62 -26.90
CA VAL A 310 10.91 -40.18 -27.04
C VAL A 310 11.33 -40.80 -25.73
N THR A 311 12.09 -41.90 -25.81
CA THR A 311 12.66 -42.55 -24.64
C THR A 311 14.17 -42.56 -24.77
N THR A 312 14.86 -41.97 -23.81
CA THR A 312 16.32 -41.91 -23.84
C THR A 312 16.92 -43.17 -23.21
N SER A 313 18.24 -43.33 -23.34
CA SER A 313 19.00 -44.33 -22.57
C SER A 313 20.07 -43.63 -21.74
N GLY A 314 20.31 -44.14 -20.53
CA GLY A 314 21.32 -43.59 -19.65
C GLY A 314 22.67 -43.30 -20.29
N GLY A 315 23.16 -42.07 -20.12
CA GLY A 315 24.47 -41.65 -20.56
C GLY A 315 24.64 -41.50 -22.05
N VAL A 316 23.58 -41.66 -22.83
CA VAL A 316 23.64 -41.65 -24.28
C VAL A 316 22.78 -40.51 -24.79
N GLU A 317 23.37 -39.68 -25.66
CA GLU A 317 22.68 -38.53 -26.21
C GLU A 317 21.52 -38.92 -27.12
N THR A 318 20.41 -38.21 -27.00
CA THR A 318 19.26 -38.26 -27.88
C THR A 318 19.14 -36.93 -28.62
N VAL A 319 18.85 -36.97 -29.92
CA VAL A 319 18.67 -35.77 -30.74
C VAL A 319 17.30 -35.81 -31.40
N VAL A 320 16.58 -34.69 -31.35
CA VAL A 320 15.22 -34.57 -31.87
C VAL A 320 15.13 -33.37 -32.80
N ASN A 321 14.60 -33.60 -34.01
CA ASN A 321 14.40 -32.49 -34.93
C ASN A 321 13.26 -31.60 -34.45
N LEU A 322 13.50 -30.28 -34.42
CA LEU A 322 12.50 -29.35 -33.92
C LEU A 322 11.23 -29.39 -34.76
N SER A 323 11.36 -29.69 -36.05
CA SER A 323 10.19 -29.79 -36.92
C SER A 323 9.20 -30.83 -36.42
N GLU A 324 9.69 -31.84 -35.70
CA GLU A 324 8.84 -32.93 -35.25
C GLU A 324 8.23 -32.72 -33.89
N CYS A 325 8.53 -31.61 -33.20
CA CYS A 325 7.91 -31.42 -31.90
C CYS A 325 7.36 -30.00 -31.75
N GLY A 326 6.76 -29.49 -32.80
CA GLY A 326 6.12 -28.19 -32.74
C GLY A 326 6.54 -27.30 -33.89
N ASN A 327 7.72 -27.55 -34.43
CA ASN A 327 8.24 -26.83 -35.59
C ASN A 327 8.07 -25.31 -35.49
N PRO A 328 8.65 -24.68 -34.47
CA PRO A 328 8.53 -23.23 -34.36
C PRO A 328 9.56 -22.56 -35.25
N SER A 329 9.25 -21.32 -35.62
CA SER A 329 10.25 -20.48 -36.28
C SER A 329 11.11 -19.75 -35.26
N ARG A 330 10.46 -19.19 -34.23
CA ARG A 330 11.14 -18.57 -33.10
C ARG A 330 10.91 -19.44 -31.87
N LEU A 331 11.97 -20.13 -31.44
CA LEU A 331 11.87 -21.07 -30.34
C LEU A 331 11.85 -20.29 -29.03
N THR A 332 10.72 -20.33 -28.32
CA THR A 332 10.59 -19.66 -27.04
C THR A 332 10.24 -20.59 -25.89
N ASP A 333 9.77 -21.80 -26.17
CA ASP A 333 9.31 -22.69 -25.12
C ASP A 333 9.86 -24.09 -25.37
N LEU A 334 10.51 -24.65 -24.35
CA LEU A 334 11.17 -25.94 -24.44
C LEU A 334 10.74 -26.78 -23.26
N ILE A 335 10.11 -27.93 -23.53
CA ILE A 335 9.50 -28.75 -22.51
C ILE A 335 9.96 -30.20 -22.70
N LEU A 336 10.48 -30.78 -21.61
CA LEU A 336 10.71 -32.22 -21.47
C LEU A 336 9.72 -32.69 -20.41
N GLN A 337 8.63 -33.30 -20.85
CA GLN A 337 7.52 -33.63 -19.98
C GLN A 337 7.54 -35.11 -19.62
N ASN A 338 7.29 -35.40 -18.36
CA ASN A 338 7.13 -36.75 -17.83
C ASN A 338 6.05 -37.51 -18.60
N ASN A 339 6.44 -38.48 -19.43
CA ASN A 339 5.46 -39.22 -20.26
C ASN A 339 4.87 -40.36 -19.43
N SER A 340 4.12 -39.99 -18.39
CA SER A 340 3.61 -40.98 -17.45
C SER A 340 2.53 -40.34 -16.58
N PRO A 341 1.51 -41.11 -16.18
CA PRO A 341 0.52 -40.61 -15.21
C PRO A 341 1.01 -40.61 -13.78
N ASN A 342 2.18 -41.18 -13.51
CA ASN A 342 2.77 -41.23 -12.19
C ASN A 342 4.05 -40.40 -12.11
N ALA A 343 4.43 -40.07 -10.88
CA ALA A 343 5.74 -39.50 -10.58
C ALA A 343 6.86 -40.43 -11.03
N ARG A 344 8.06 -39.85 -11.19
CA ARG A 344 9.24 -40.62 -11.60
C ARG A 344 10.40 -40.32 -10.66
N ALA A 345 11.27 -41.32 -10.48
CA ALA A 345 12.47 -41.10 -9.69
C ALA A 345 13.32 -40.00 -10.30
N ALA A 346 14.09 -39.30 -9.46
CA ALA A 346 14.99 -38.25 -9.92
C ALA A 346 15.99 -38.78 -10.92
N PHE A 347 16.33 -37.96 -11.90
CA PHE A 347 17.44 -38.26 -12.80
C PHE A 347 18.22 -36.97 -13.03
N ARG A 348 19.37 -37.11 -13.67
CA ARG A 348 20.22 -35.98 -14.04
C ARG A 348 20.07 -35.70 -15.54
N LEU A 349 19.81 -34.43 -15.88
CA LEU A 349 19.88 -33.97 -17.27
C LEU A 349 21.31 -33.46 -17.47
N GLU A 350 22.11 -34.26 -18.16
CA GLU A 350 23.55 -34.01 -18.24
C GLU A 350 23.88 -33.06 -19.37
N ARG A 351 23.05 -33.02 -20.41
CA ARG A 351 23.27 -32.14 -21.54
C ARG A 351 21.94 -31.67 -22.07
N LEU A 352 21.92 -30.43 -22.58
CA LEU A 352 20.72 -29.88 -23.21
C LEU A 352 21.21 -28.78 -24.15
N GLU A 353 21.14 -29.01 -25.45
CA GLU A 353 21.67 -27.98 -26.33
C GLU A 353 20.89 -27.99 -27.63
N LEU A 354 20.73 -26.81 -28.19
CA LEU A 354 20.14 -26.65 -29.51
C LEU A 354 21.24 -26.65 -30.55
N ARG A 355 20.93 -27.23 -31.72
CA ARG A 355 21.89 -27.34 -32.81
C ARG A 355 21.29 -26.86 -34.12
N GLY A 356 22.14 -26.28 -34.97
CA GLY A 356 21.72 -25.88 -36.29
C GLY A 356 22.87 -25.82 -37.27
N PRO A 357 22.66 -25.15 -38.41
CA PRO A 357 23.77 -24.93 -39.34
C PRO A 357 24.97 -24.29 -38.65
N GLY A 358 24.74 -23.36 -37.73
CA GLY A 358 25.83 -22.69 -37.07
C GLY A 358 26.25 -23.30 -35.76
N SER A 359 26.66 -22.46 -34.81
CA SER A 359 27.26 -22.90 -33.56
C SER A 359 26.18 -23.24 -32.53
N PRO A 360 26.34 -24.31 -31.76
CA PRO A 360 25.27 -24.74 -30.86
C PRO A 360 25.04 -23.77 -29.70
N LEU A 361 23.82 -23.85 -29.15
CA LEU A 361 23.43 -23.11 -27.97
C LEU A 361 23.28 -24.09 -26.80
N ALA A 362 24.21 -24.02 -25.86
CA ALA A 362 24.15 -24.81 -24.65
C ALA A 362 23.18 -24.14 -23.68
N LEU A 363 22.09 -24.85 -23.35
CA LEU A 363 21.11 -24.32 -22.41
C LEU A 363 21.54 -24.44 -20.95
N LEU A 364 22.52 -25.29 -20.67
CA LEU A 364 23.13 -25.41 -19.34
C LEU A 364 24.51 -24.75 -19.33
N THR A 365 24.73 -23.86 -18.38
CA THR A 365 25.97 -23.10 -18.33
C THR A 365 26.27 -22.82 -16.86
N HIS A 366 26.99 -21.75 -16.57
CA HIS A 366 27.25 -21.36 -15.20
C HIS A 366 26.83 -19.91 -15.01
N GLN A 367 26.71 -19.51 -13.75
CA GLN A 367 26.06 -18.24 -13.40
C GLN A 367 26.80 -17.04 -14.00
N GLN A 368 28.11 -16.98 -13.83
CA GLN A 368 28.90 -15.88 -14.36
C GLN A 368 28.69 -15.73 -15.86
N ASN A 369 28.80 -16.85 -16.57
CA ASN A 369 28.63 -16.80 -18.01
C ASN A 369 27.24 -16.37 -18.39
N ALA A 370 26.24 -16.68 -17.55
CA ALA A 370 24.88 -16.25 -17.84
C ALA A 370 24.78 -14.72 -17.77
N ILE A 371 25.47 -14.13 -16.79
CA ILE A 371 25.51 -12.66 -16.76
C ILE A 371 26.14 -12.09 -18.03
N ALA A 372 27.29 -12.66 -18.43
CA ALA A 372 27.97 -12.16 -19.62
C ALA A 372 27.09 -12.31 -20.86
N GLN A 373 26.41 -13.44 -21.00
CA GLN A 373 25.53 -13.67 -22.15
C GLN A 373 24.42 -12.64 -22.19
N ALA A 374 23.83 -12.33 -21.03
CA ALA A 374 22.76 -11.33 -21.01
C ALA A 374 23.29 -9.97 -21.46
N MET A 375 24.44 -9.56 -20.94
CA MET A 375 24.93 -8.25 -21.33
C MET A 375 25.36 -8.21 -22.80
N GLU A 376 25.88 -9.33 -23.32
CA GLU A 376 26.17 -9.41 -24.75
C GLU A 376 24.91 -9.26 -25.59
N PHE A 377 23.83 -9.91 -25.18
CA PHE A 377 22.57 -9.78 -25.91
C PHE A 377 22.08 -8.33 -25.92
N ALA A 378 22.10 -7.69 -24.76
CA ALA A 378 21.69 -6.28 -24.70
C ALA A 378 22.59 -5.43 -25.59
N GLN A 379 23.90 -5.66 -25.53
CA GLN A 379 24.85 -4.86 -26.30
C GLN A 379 24.64 -5.07 -27.81
N ARG A 380 24.34 -6.30 -28.23
CA ARG A 380 24.06 -6.51 -29.64
C ARG A 380 22.85 -5.70 -30.07
N TRP A 381 21.78 -5.72 -29.25
CA TRP A 381 20.61 -4.89 -29.56
C TRP A 381 20.99 -3.42 -29.64
N ALA A 382 21.78 -2.95 -28.67
CA ALA A 382 22.08 -1.52 -28.59
C ALA A 382 22.96 -1.07 -29.74
N GLU A 383 23.88 -1.93 -30.16
CA GLU A 383 24.77 -1.61 -31.27
C GLU A 383 23.98 -1.60 -32.57
N GLN A 384 23.09 -2.58 -32.75
CA GLN A 384 22.32 -2.63 -33.98
C GLN A 384 21.42 -1.41 -34.10
N ASN A 385 20.83 -0.99 -32.99
CA ASN A 385 19.92 0.13 -33.02
C ASN A 385 20.61 1.46 -32.72
N ARG A 386 21.91 1.43 -32.46
CA ARG A 386 22.72 2.63 -32.26
C ARG A 386 22.14 3.51 -31.15
N ARG A 387 21.92 2.88 -29.99
CA ARG A 387 21.40 3.56 -28.81
C ARG A 387 22.33 3.31 -27.63
N PRO A 388 22.57 4.31 -26.80
CA PRO A 388 23.31 4.07 -25.55
C PRO A 388 22.44 3.36 -24.53
N ILE A 389 23.09 2.73 -23.56
CA ILE A 389 22.42 1.89 -22.57
C ILE A 389 22.72 2.37 -21.17
N PHE A 390 21.66 2.52 -20.36
CA PHE A 390 21.68 2.82 -18.93
C PHE A 390 20.93 1.69 -18.22
N VAL A 391 21.59 0.98 -17.30
CA VAL A 391 20.96 -0.12 -16.56
C VAL A 391 20.46 0.49 -15.25
N GLY A 392 19.18 0.87 -15.26
CA GLY A 392 18.68 1.76 -14.23
C GLY A 392 18.46 1.14 -12.87
N GLN A 393 18.39 -0.20 -12.79
CA GLN A 393 18.21 -0.89 -11.51
C GLN A 393 18.90 -2.24 -11.59
N PHE A 394 19.64 -2.60 -10.55
CA PHE A 394 20.07 -3.96 -10.32
C PHE A 394 20.45 -4.08 -8.85
N GLY A 395 20.20 -5.25 -8.26
CA GLY A 395 20.51 -5.44 -6.86
C GLY A 395 19.99 -6.77 -6.34
N ALA A 396 20.54 -7.24 -5.21
CA ALA A 396 20.12 -8.49 -4.60
C ALA A 396 19.57 -8.20 -3.21
N TYR A 397 18.43 -8.84 -2.88
CA TYR A 397 17.72 -8.53 -1.66
C TYR A 397 18.48 -9.04 -0.44
N GLU A 398 18.33 -8.33 0.68
CA GLU A 398 19.07 -8.60 1.92
C GLU A 398 18.78 -10.00 2.48
N LYS A 399 17.74 -10.69 2.02
CA LYS A 399 17.49 -12.04 2.52
C LYS A 399 18.57 -13.01 2.07
N GLY A 400 19.29 -12.71 1.00
CA GLY A 400 20.42 -13.53 0.61
C GLY A 400 21.61 -13.29 1.50
N ASP A 401 22.49 -14.29 1.61
CA ASP A 401 23.70 -14.11 2.42
C ASP A 401 24.63 -13.08 1.77
N LEU A 402 25.31 -12.33 2.62
CA LEU A 402 26.03 -11.14 2.15
C LEU A 402 27.12 -11.50 1.14
N ASP A 403 27.89 -12.57 1.39
CA ASP A 403 28.97 -12.91 0.46
C ASP A 403 28.42 -13.16 -0.94
N SER A 404 27.32 -13.89 -1.02
CA SER A 404 26.68 -14.14 -2.31
C SER A 404 26.23 -12.83 -2.95
N ARG A 405 25.64 -11.94 -2.15
CA ARG A 405 25.19 -10.66 -2.71
C ARG A 405 26.37 -9.85 -3.23
N VAL A 406 27.47 -9.85 -2.49
CA VAL A 406 28.69 -9.15 -2.92
C VAL A 406 29.18 -9.73 -4.24
N ARG A 407 29.28 -11.06 -4.32
CA ARG A 407 29.73 -11.73 -5.55
C ARG A 407 28.85 -11.36 -6.72
N TRP A 408 27.53 -11.52 -6.56
CA TRP A 408 26.60 -11.21 -7.63
C TRP A 408 26.73 -9.76 -8.07
N THR A 409 26.73 -8.84 -7.09
CA THR A 409 26.72 -7.41 -7.39
C THR A 409 27.99 -7.02 -8.15
N GLY A 410 29.14 -7.53 -7.72
CA GLY A 410 30.39 -7.21 -8.39
C GLY A 410 30.49 -7.81 -9.78
N ALA A 411 30.01 -9.04 -9.93
CA ALA A 411 29.97 -9.66 -11.27
C ALA A 411 29.09 -8.84 -12.23
N VAL A 412 27.92 -8.40 -11.78
CA VAL A 412 27.03 -7.62 -12.63
C VAL A 412 27.65 -6.27 -12.98
N ARG A 413 28.12 -5.54 -11.97
CA ARG A 413 28.73 -4.23 -12.24
C ARG A 413 29.89 -4.36 -13.22
N SER A 414 30.70 -5.41 -13.05
CA SER A 414 31.85 -5.64 -13.93
C SER A 414 31.41 -5.85 -15.37
N GLU A 415 30.41 -6.73 -15.59
CA GLU A 415 29.96 -6.91 -16.97
C GLU A 415 29.33 -5.65 -17.53
N LEU A 416 28.58 -4.91 -16.71
CA LEU A 416 28.00 -3.66 -17.21
C LEU A 416 29.09 -2.73 -17.73
N GLU A 417 30.15 -2.53 -16.95
CA GLU A 417 31.16 -1.56 -17.35
C GLU A 417 32.01 -2.08 -18.49
N LYS A 418 32.28 -3.38 -18.52
CA LYS A 418 32.92 -3.96 -19.67
C LYS A 418 32.20 -3.60 -20.96
N ARG A 419 30.89 -3.40 -20.90
CA ARG A 419 30.10 -3.08 -22.08
C ARG A 419 29.79 -1.60 -22.20
N ASN A 420 30.39 -0.77 -21.34
CA ASN A 420 30.14 0.67 -21.34
C ASN A 420 28.66 1.00 -21.17
N PHE A 421 27.98 0.21 -20.34
CA PHE A 421 26.64 0.57 -19.87
C PHE A 421 26.80 1.45 -18.65
N SER A 422 26.15 2.61 -18.65
CA SER A 422 26.00 3.32 -17.38
C SER A 422 24.98 2.57 -16.52
N TRP A 423 24.92 2.90 -15.22
CA TRP A 423 24.08 2.08 -14.36
C TRP A 423 23.73 2.80 -13.07
N ALA A 424 22.67 2.34 -12.43
CA ALA A 424 22.24 2.83 -11.13
C ALA A 424 21.85 1.64 -10.26
N TYR A 425 22.56 1.47 -9.16
CA TYR A 425 22.31 0.37 -8.24
C TYR A 425 21.00 0.57 -7.49
N TRP A 426 20.26 -0.53 -7.28
CA TRP A 426 19.08 -0.52 -6.42
C TRP A 426 19.51 -1.22 -5.13
N GLU A 427 19.68 -0.47 -4.03
CA GLU A 427 19.29 0.93 -3.85
C GLU A 427 20.21 1.52 -2.75
N PHE A 428 20.01 2.80 -2.42
CA PHE A 428 20.88 3.45 -1.44
C PHE A 428 20.76 2.81 -0.05
N ALA A 429 19.56 2.81 0.52
CA ALA A 429 19.30 2.36 1.88
C ALA A 429 18.14 1.36 1.87
N ALA A 430 17.78 0.85 3.06
CA ALA A 430 16.70 -0.13 3.23
C ALA A 430 17.09 -1.48 2.65
N GLY A 431 16.11 -2.21 2.07
CA GLY A 431 16.23 -3.66 1.93
C GLY A 431 17.23 -4.14 0.89
N PHE A 432 17.51 -3.33 -0.14
CA PHE A 432 18.59 -3.61 -1.07
C PHE A 432 19.79 -2.68 -0.81
N GLY A 433 19.83 -2.03 0.35
CA GLY A 433 20.66 -0.84 0.52
C GLY A 433 22.14 -1.16 0.69
N ILE A 434 22.96 -0.19 0.30
CA ILE A 434 24.40 -0.21 0.56
C ILE A 434 24.81 0.71 1.69
N TYR A 435 23.89 1.47 2.27
CA TYR A 435 24.20 2.36 3.38
C TYR A 435 23.28 2.01 4.54
N ASP A 436 23.87 1.72 5.69
CA ASP A 436 23.14 1.32 6.88
C ASP A 436 22.76 2.58 7.64
N ARG A 437 21.47 2.91 7.66
CA ARG A 437 21.04 4.13 8.33
C ARG A 437 21.08 3.99 9.84
N THR A 438 21.00 2.77 10.37
CA THR A 438 21.09 2.56 11.82
C THR A 438 22.50 2.87 12.31
N THR A 439 23.51 2.20 11.74
CA THR A 439 24.88 2.43 12.14
C THR A 439 25.50 3.64 11.47
N ARG A 440 24.78 4.27 10.54
CA ARG A 440 25.29 5.41 9.78
C ARG A 440 26.62 5.06 9.10
N GLN A 441 26.69 3.87 8.52
CA GLN A 441 27.91 3.46 7.83
C GLN A 441 27.58 2.73 6.54
N TRP A 442 28.47 2.85 5.56
CA TRP A 442 28.39 2.06 4.35
C TRP A 442 28.53 0.58 4.66
N ARG A 443 27.76 -0.24 3.96
CA ARG A 443 27.93 -1.69 3.99
C ARG A 443 29.10 -2.01 3.08
N THR A 444 30.28 -2.03 3.68
CA THR A 444 31.53 -1.87 2.95
C THR A 444 31.74 -2.85 1.79
N PRO A 445 31.62 -4.18 1.97
CA PRO A 445 31.92 -5.07 0.84
C PRO A 445 30.94 -4.92 -0.32
N LEU A 446 29.70 -4.55 -0.05
CA LEU A 446 28.73 -4.33 -1.12
C LEU A 446 29.04 -3.04 -1.88
N LEU A 447 29.34 -1.97 -1.14
CA LEU A 447 29.77 -0.73 -1.78
C LEU A 447 31.01 -0.98 -2.62
N LYS A 448 31.98 -1.75 -2.09
CA LYS A 448 33.19 -2.01 -2.85
C LYS A 448 32.89 -2.86 -4.09
N ALA A 449 31.86 -3.72 -4.04
CA ALA A 449 31.45 -4.40 -5.26
C ALA A 449 31.02 -3.41 -6.33
N LEU A 450 30.43 -2.28 -5.93
CA LEU A 450 30.00 -1.28 -6.89
C LEU A 450 31.09 -0.29 -7.29
N VAL A 451 31.89 0.17 -6.32
CA VAL A 451 32.94 1.18 -6.54
C VAL A 451 34.24 0.58 -6.00
N PRO A 452 34.99 -0.16 -6.81
CA PRO A 452 36.14 -0.92 -6.31
C PRO A 452 37.39 -0.07 -6.05
N GLY B 16 -17.60 -15.33 33.76
CA GLY B 16 -18.18 -14.14 34.37
C GLY B 16 -19.17 -13.46 33.43
N GLY B 17 -19.18 -13.95 32.19
CA GLY B 17 -20.02 -13.45 31.11
C GLY B 17 -19.29 -12.43 30.22
N ILE B 18 -19.98 -12.06 29.13
CA ILE B 18 -19.34 -11.23 28.10
C ILE B 18 -19.06 -9.83 28.63
N VAL B 19 -19.86 -9.37 29.61
CA VAL B 19 -19.65 -8.05 30.18
C VAL B 19 -18.34 -8.02 30.92
N GLU B 20 -18.00 -9.10 31.63
CA GLU B 20 -16.73 -9.16 32.37
C GLU B 20 -15.55 -9.29 31.43
N LEU B 21 -15.69 -10.07 30.36
CA LEU B 21 -14.61 -10.17 29.38
C LEU B 21 -14.33 -8.81 28.74
N ASN B 22 -15.39 -8.05 28.47
CA ASN B 22 -15.16 -6.70 27.95
C ASN B 22 -14.52 -5.81 29.00
N ARG B 23 -14.97 -5.90 30.26
CA ARG B 23 -14.32 -5.12 31.31
C ARG B 23 -12.85 -5.46 31.42
N GLN B 24 -12.52 -6.73 31.23
CA GLN B 24 -11.13 -7.15 31.32
C GLN B 24 -10.29 -6.60 30.17
N LEU B 25 -10.88 -6.33 29.00
CA LEU B 25 -10.11 -5.61 27.97
C LEU B 25 -9.51 -4.30 28.50
N GLY B 26 -10.28 -3.56 29.31
CA GLY B 26 -9.73 -2.37 29.96
C GLY B 26 -9.02 -1.42 29.02
N ARG B 27 -7.81 -0.99 29.42
CA ARG B 27 -6.98 -0.09 28.62
C ARG B 27 -6.04 -0.89 27.72
N GLY B 28 -5.97 -0.51 26.43
CA GLY B 28 -5.18 -1.26 25.48
C GLY B 28 -4.51 -0.37 24.45
N VAL B 29 -3.66 -1.00 23.64
CA VAL B 29 -2.96 -0.27 22.59
C VAL B 29 -2.80 -1.19 21.38
N ASN B 30 -2.91 -0.60 20.20
CA ASN B 30 -2.74 -1.30 18.94
C ASN B 30 -1.26 -1.40 18.57
N LEU B 31 -0.84 -2.59 18.16
CA LEU B 31 0.48 -2.74 17.53
C LEU B 31 0.28 -2.48 16.05
N GLY B 32 0.19 -1.19 15.69
CA GLY B 32 -0.14 -0.82 14.32
C GLY B 32 1.08 -0.65 13.44
N ASN B 33 0.82 -0.44 12.14
CA ASN B 33 1.87 -0.31 11.12
C ASN B 33 2.79 -1.54 11.11
N ALA B 34 2.24 -2.69 11.45
CA ALA B 34 3.02 -3.92 11.61
C ALA B 34 2.39 -5.03 10.79
N LEU B 35 1.69 -5.97 11.43
CA LEU B 35 1.16 -7.13 10.71
C LEU B 35 -0.07 -6.81 9.87
N GLU B 36 -0.60 -5.59 9.93
CA GLU B 36 -1.72 -5.25 9.08
C GLU B 36 -1.27 -4.63 7.75
N ALA B 37 0.02 -4.36 7.60
CA ALA B 37 0.60 -4.02 6.31
C ALA B 37 0.66 -5.29 5.47
N PRO B 38 0.99 -5.20 4.17
CA PRO B 38 1.08 -6.45 3.39
C PRO B 38 2.10 -7.42 3.96
N TRP B 39 3.12 -6.93 4.67
CA TRP B 39 3.99 -7.82 5.43
C TRP B 39 4.61 -7.01 6.55
N GLU B 40 5.21 -7.73 7.49
CA GLU B 40 5.68 -7.12 8.71
C GLU B 40 6.89 -6.23 8.43
N GLY B 41 6.78 -4.96 8.77
CA GLY B 41 7.81 -3.98 8.50
C GLY B 41 7.57 -3.17 7.25
N ALA B 42 6.66 -3.62 6.38
CA ALA B 42 6.37 -2.88 5.15
C ALA B 42 5.92 -1.46 5.45
N TRP B 43 5.22 -1.25 6.57
CA TRP B 43 4.75 0.09 6.90
C TRP B 43 5.47 0.67 8.10
N GLY B 44 6.66 0.16 8.41
CA GLY B 44 7.59 0.84 9.29
C GLY B 44 7.81 0.22 10.65
N VAL B 45 6.92 -0.65 11.13
CA VAL B 45 7.06 -1.24 12.47
C VAL B 45 7.20 -2.75 12.33
N ARG B 46 8.35 -3.26 12.74
CA ARG B 46 8.55 -4.68 12.99
C ARG B 46 8.34 -4.91 14.48
N LEU B 47 7.60 -5.95 14.83
CA LEU B 47 7.36 -6.23 16.23
C LEU B 47 8.65 -6.73 16.87
N GLU B 48 8.83 -6.38 18.14
CA GLU B 48 9.94 -6.87 18.95
C GLU B 48 9.38 -7.33 20.28
N GLU B 49 9.96 -8.39 20.83
CA GLU B 49 9.46 -8.90 22.10
C GLU B 49 9.46 -7.81 23.17
N GLY B 50 10.43 -6.89 23.14
CA GLY B 50 10.48 -5.87 24.19
C GLY B 50 9.30 -4.92 24.21
N PHE B 51 8.59 -4.77 23.06
CA PHE B 51 7.38 -3.93 23.03
C PHE B 51 6.31 -4.48 23.97
N PHE B 52 6.15 -5.80 24.00
CA PHE B 52 5.13 -6.40 24.85
C PHE B 52 5.40 -6.10 26.32
N GLU B 53 6.67 -6.16 26.72
CA GLU B 53 7.02 -5.86 28.10
C GLU B 53 6.83 -4.39 28.40
N LEU B 54 7.23 -3.51 27.48
CA LEU B 54 7.00 -2.08 27.68
C LEU B 54 5.51 -1.79 27.88
N ILE B 55 4.67 -2.39 27.02
CA ILE B 55 3.23 -2.15 27.13
C ILE B 55 2.71 -2.65 28.46
N ARG B 56 3.16 -3.84 28.89
CA ARG B 56 2.75 -4.33 30.20
C ARG B 56 3.11 -3.33 31.29
N GLU B 57 4.34 -2.84 31.27
CA GLU B 57 4.83 -2.02 32.39
C GLU B 57 4.20 -0.62 32.39
N ALA B 58 3.75 -0.13 31.23
CA ALA B 58 3.10 1.17 31.18
C ALA B 58 1.67 1.14 31.68
N GLY B 59 1.13 -0.03 32.02
CA GLY B 59 -0.20 -0.14 32.60
C GLY B 59 -1.33 -0.52 31.66
N PHE B 60 -1.05 -0.88 30.41
CA PHE B 60 -2.08 -1.42 29.53
C PHE B 60 -2.42 -2.87 29.90
N LYS B 61 -3.68 -3.24 29.72
CA LYS B 61 -4.09 -4.63 29.96
C LYS B 61 -4.21 -5.44 28.68
N THR B 62 -4.21 -4.79 27.53
CA THR B 62 -4.56 -5.45 26.29
C THR B 62 -3.69 -4.96 25.15
N ILE B 63 -3.32 -5.88 24.28
CA ILE B 63 -2.79 -5.53 22.98
C ILE B 63 -3.85 -5.84 21.94
N ARG B 64 -4.16 -4.86 21.09
CA ARG B 64 -4.90 -5.17 19.89
C ARG B 64 -3.88 -5.41 18.79
N LEU B 65 -4.02 -6.54 18.08
CA LEU B 65 -3.06 -6.98 17.06
C LEU B 65 -3.75 -6.91 15.71
N PRO B 66 -3.62 -5.83 14.98
CA PRO B 66 -4.18 -5.79 13.61
C PRO B 66 -3.38 -6.72 12.70
N VAL B 67 -4.09 -7.61 12.00
CA VAL B 67 -3.46 -8.58 11.12
C VAL B 67 -4.22 -8.57 9.80
N SER B 68 -3.50 -8.31 8.70
CA SER B 68 -4.04 -8.44 7.36
C SER B 68 -3.56 -9.77 6.80
N TRP B 69 -4.49 -10.69 6.54
CA TRP B 69 -4.11 -12.06 6.18
C TRP B 69 -4.04 -12.31 4.67
N THR B 70 -4.68 -11.47 3.85
CA THR B 70 -4.93 -11.84 2.46
C THR B 70 -3.62 -12.04 1.68
N HIS B 71 -2.60 -11.23 1.95
CA HIS B 71 -1.33 -11.40 1.24
C HIS B 71 -0.55 -12.62 1.72
N HIS B 72 -1.01 -13.30 2.78
CA HIS B 72 -0.32 -14.46 3.31
C HIS B 72 -1.14 -15.74 3.12
N ALA B 73 -2.13 -15.72 2.23
CA ALA B 73 -3.00 -16.88 2.05
C ALA B 73 -3.09 -17.22 0.56
N GLY B 74 -3.17 -18.52 0.27
CA GLY B 74 -3.33 -18.95 -1.10
C GLY B 74 -4.51 -18.27 -1.77
N ARG B 75 -4.37 -17.95 -3.06
CA ARG B 75 -5.48 -17.37 -3.81
C ARG B 75 -6.52 -18.42 -4.18
N ALA B 76 -6.15 -19.71 -4.15
CA ALA B 76 -7.05 -20.79 -4.50
C ALA B 76 -7.34 -21.64 -3.27
N ALA B 77 -8.52 -22.25 -3.25
CA ALA B 77 -8.89 -23.14 -2.16
C ALA B 77 -7.80 -24.17 -1.95
N PRO B 78 -7.50 -24.57 -0.70
CA PRO B 78 -8.21 -24.17 0.52
C PRO B 78 -7.69 -22.86 1.15
N TYR B 79 -7.03 -22.00 0.37
CA TYR B 79 -6.63 -20.66 0.83
C TYR B 79 -5.72 -20.73 2.06
N THR B 80 -4.76 -21.65 2.01
CA THR B 80 -3.95 -21.94 3.17
C THR B 80 -3.08 -20.76 3.53
N ILE B 81 -3.06 -20.44 4.81
CA ILE B 81 -2.25 -19.35 5.31
C ILE B 81 -0.82 -19.83 5.47
N ASP B 82 0.11 -19.03 4.99
CA ASP B 82 1.55 -19.22 5.12
C ASP B 82 1.91 -19.65 6.53
N PRO B 83 2.46 -20.86 6.70
CA PRO B 83 2.79 -21.33 8.06
C PRO B 83 3.76 -20.43 8.81
N ALA B 84 4.73 -19.81 8.11
CA ALA B 84 5.64 -18.90 8.80
C ALA B 84 4.89 -17.67 9.33
N PHE B 85 3.91 -17.18 8.56
CA PHE B 85 3.13 -16.04 9.04
C PHE B 85 2.28 -16.42 10.24
N PHE B 86 1.62 -17.60 10.17
CA PHE B 86 0.85 -18.08 11.31
C PHE B 86 1.73 -18.21 12.55
N SER B 87 2.95 -18.72 12.37
CA SER B 87 3.85 -18.87 13.52
C SER B 87 4.17 -17.50 14.11
N ARG B 88 4.32 -16.49 13.26
CA ARG B 88 4.55 -15.15 13.80
C ARG B 88 3.37 -14.65 14.62
N VAL B 89 2.14 -14.88 14.14
CA VAL B 89 0.97 -14.50 14.94
C VAL B 89 0.92 -15.30 16.24
N ASP B 90 1.22 -16.61 16.18
CA ASP B 90 1.33 -17.44 17.39
C ASP B 90 2.28 -16.78 18.39
N TRP B 91 3.43 -16.32 17.90
CA TRP B 91 4.43 -15.67 18.74
C TRP B 91 3.87 -14.42 19.42
N ALA B 92 3.18 -13.57 18.66
CA ALA B 92 2.62 -12.36 19.29
C ALA B 92 1.58 -12.73 20.35
N VAL B 93 0.72 -13.71 20.06
CA VAL B 93 -0.24 -14.18 21.04
C VAL B 93 0.47 -14.67 22.30
N THR B 94 1.53 -15.46 22.12
CA THR B 94 2.27 -15.99 23.25
C THR B 94 2.94 -14.90 24.06
N GLN B 95 3.58 -13.94 23.39
CA GLN B 95 4.32 -12.90 24.09
C GLN B 95 3.38 -12.00 24.86
N ALA B 96 2.16 -11.79 24.36
CA ALA B 96 1.17 -11.07 25.14
C ALA B 96 0.70 -11.91 26.31
N THR B 97 0.24 -13.13 26.02
CA THR B 97 -0.39 -13.98 27.02
C THR B 97 0.55 -14.29 28.18
N ARG B 98 1.80 -14.58 27.89
CA ARG B 98 2.72 -14.97 28.96
C ARG B 98 2.99 -13.82 29.91
N ARG B 99 2.73 -12.58 29.48
CA ARG B 99 2.84 -11.42 30.32
C ARG B 99 1.52 -11.02 30.97
N GLY B 100 0.52 -11.88 30.91
CA GLY B 100 -0.78 -11.55 31.47
C GLY B 100 -1.55 -10.49 30.72
N LEU B 101 -1.24 -10.26 29.46
CA LEU B 101 -2.00 -9.28 28.69
C LEU B 101 -3.08 -10.02 27.91
N ASN B 102 -4.20 -9.33 27.70
CA ASN B 102 -5.13 -9.80 26.67
C ASN B 102 -4.58 -9.50 25.29
N ILE B 103 -5.04 -10.25 24.30
CA ILE B 103 -4.72 -9.91 22.92
C ILE B 103 -5.96 -10.10 22.06
N VAL B 104 -6.23 -9.10 21.23
CA VAL B 104 -7.32 -9.13 20.25
C VAL B 104 -6.70 -9.43 18.88
N VAL B 105 -7.11 -10.56 18.27
CA VAL B 105 -6.66 -10.96 16.93
C VAL B 105 -7.81 -10.69 15.96
N ASN B 106 -7.55 -9.91 14.91
CA ASN B 106 -8.59 -9.56 13.96
C ASN B 106 -8.19 -10.00 12.55
N VAL B 107 -9.12 -9.79 11.62
CA VAL B 107 -8.83 -9.63 10.20
C VAL B 107 -8.93 -8.14 9.94
N HIS B 108 -7.85 -7.53 9.44
CA HIS B 108 -7.77 -6.07 9.42
C HIS B 108 -8.02 -5.50 8.02
N HIS B 109 -6.97 -5.16 7.28
CA HIS B 109 -7.18 -4.71 5.91
C HIS B 109 -7.46 -5.90 5.02
N TYR B 110 -8.36 -5.69 4.04
CA TYR B 110 -8.74 -6.76 3.13
C TYR B 110 -9.40 -6.14 1.91
N ASP B 111 -8.59 -5.53 1.05
CA ASP B 111 -9.12 -4.70 -0.03
C ASP B 111 -10.10 -5.49 -0.89
N GLU B 112 -9.78 -6.75 -1.19
CA GLU B 112 -10.61 -7.55 -2.08
C GLU B 112 -12.00 -7.78 -1.48
N LEU B 113 -12.06 -8.00 -0.16
CA LEU B 113 -13.34 -8.28 0.47
C LEU B 113 -14.21 -7.03 0.55
N ASN B 114 -13.61 -5.89 0.91
CA ASN B 114 -14.38 -4.66 0.93
C ASN B 114 -14.84 -4.27 -0.47
N ALA B 115 -14.04 -4.58 -1.50
CA ALA B 115 -14.43 -4.26 -2.87
C ALA B 115 -15.46 -5.24 -3.42
N ASN B 116 -15.40 -6.54 -3.07
CA ASN B 116 -16.36 -7.52 -3.57
C ASN B 116 -16.68 -8.56 -2.52
N PRO B 117 -17.62 -8.26 -1.61
CA PRO B 117 -17.90 -9.20 -0.51
C PRO B 117 -18.35 -10.58 -0.98
N GLN B 118 -19.21 -10.63 -2.00
CA GLN B 118 -19.72 -11.91 -2.48
C GLN B 118 -18.62 -12.75 -3.12
N ALA B 119 -17.80 -12.12 -3.96
CA ALA B 119 -16.74 -12.89 -4.62
C ALA B 119 -15.69 -13.39 -3.62
N GLU B 120 -15.33 -12.58 -2.62
CA GLU B 120 -14.24 -12.93 -1.71
C GLU B 120 -14.72 -13.69 -0.48
N GLU B 121 -16.04 -13.87 -0.32
CA GLU B 121 -16.60 -14.47 0.89
C GLU B 121 -15.95 -15.80 1.24
N ALA B 122 -15.85 -16.71 0.27
CA ALA B 122 -15.41 -18.07 0.60
C ALA B 122 -13.97 -18.05 1.13
N ARG B 123 -13.12 -17.22 0.52
CA ARG B 123 -11.74 -17.12 0.98
C ARG B 123 -11.68 -16.50 2.37
N TYR B 124 -12.45 -15.44 2.62
CA TYR B 124 -12.51 -14.84 3.96
C TYR B 124 -12.98 -15.84 5.01
N LEU B 125 -14.02 -16.61 4.70
CA LEU B 125 -14.54 -17.58 5.66
C LEU B 125 -13.55 -18.71 5.90
N SER B 126 -12.78 -19.09 4.88
CA SER B 126 -11.73 -20.09 5.09
C SER B 126 -10.62 -19.55 5.98
N ILE B 127 -10.26 -18.26 5.78
CA ILE B 127 -9.27 -17.63 6.66
C ILE B 127 -9.76 -17.67 8.10
N TRP B 128 -11.03 -17.29 8.33
CA TRP B 128 -11.52 -17.33 9.72
C TRP B 128 -11.58 -18.74 10.25
N ARG B 129 -11.92 -19.73 9.41
CA ARG B 129 -11.92 -21.09 9.94
C ARG B 129 -10.52 -21.49 10.36
N GLN B 130 -9.51 -21.11 9.58
CA GLN B 130 -8.13 -21.43 9.96
C GLN B 130 -7.73 -20.74 11.27
N ILE B 131 -8.02 -19.45 11.39
CA ILE B 131 -7.67 -18.72 12.61
C ILE B 131 -8.40 -19.31 13.81
N ALA B 132 -9.72 -19.50 13.67
CA ALA B 132 -10.51 -19.97 14.78
C ALA B 132 -10.07 -21.35 15.23
N GLU B 133 -9.85 -22.27 14.28
CA GLU B 133 -9.39 -23.60 14.66
C GLU B 133 -8.00 -23.55 15.29
N ARG B 134 -7.11 -22.70 14.76
CA ARG B 134 -5.77 -22.67 15.34
C ARG B 134 -5.77 -22.18 16.78
N TYR B 135 -6.64 -21.22 17.11
CA TYR B 135 -6.62 -20.62 18.44
C TYR B 135 -7.78 -21.12 19.33
N ARG B 136 -8.40 -22.25 18.96
CA ARG B 136 -9.62 -22.68 19.65
C ARG B 136 -9.39 -22.97 21.14
N ASN B 137 -8.18 -23.38 21.51
CA ASN B 137 -7.91 -23.75 22.90
C ASN B 137 -7.21 -22.65 23.66
N GLN B 138 -7.09 -21.46 23.08
CA GLN B 138 -6.52 -20.33 23.80
C GLN B 138 -7.45 -19.93 24.94
N PRO B 139 -6.88 -19.40 26.04
CA PRO B 139 -7.71 -18.93 27.16
C PRO B 139 -8.56 -17.71 26.82
N GLY B 140 -9.38 -17.27 27.77
CA GLY B 140 -10.30 -16.16 27.59
C GLY B 140 -9.62 -14.80 27.40
N SER B 141 -8.31 -14.72 27.59
CA SER B 141 -7.58 -13.51 27.29
C SER B 141 -7.34 -13.31 25.80
N VAL B 142 -7.70 -14.27 24.97
CA VAL B 142 -7.58 -14.13 23.51
C VAL B 142 -8.96 -13.86 22.95
N TYR B 143 -9.10 -12.75 22.22
CA TYR B 143 -10.34 -12.30 21.64
C TYR B 143 -10.23 -12.33 20.12
N PHE B 144 -11.35 -12.58 19.45
CA PHE B 144 -11.43 -12.51 18.00
C PHE B 144 -12.18 -11.24 17.57
N GLU B 145 -11.78 -10.67 16.44
CA GLU B 145 -12.50 -9.51 15.89
C GLU B 145 -12.68 -9.71 14.38
N LEU B 146 -13.95 -9.79 13.95
CA LEU B 146 -14.26 -10.41 12.65
C LEU B 146 -13.72 -9.61 11.47
N LEU B 147 -13.90 -8.29 11.46
CA LEU B 147 -13.39 -7.53 10.31
C LEU B 147 -13.24 -6.06 10.69
N ASN B 148 -12.00 -5.58 10.68
CA ASN B 148 -11.74 -4.18 10.94
C ASN B 148 -12.42 -3.28 9.94
N GLU B 149 -13.13 -2.24 10.43
CA GLU B 149 -13.58 -1.11 9.61
C GLU B 149 -14.14 -1.51 8.24
N PRO B 150 -15.26 -2.23 8.19
CA PRO B 150 -15.87 -2.53 6.88
C PRO B 150 -16.18 -1.25 6.12
N HIS B 151 -15.88 -1.27 4.82
CA HIS B 151 -16.09 -0.12 3.95
C HIS B 151 -16.37 -0.62 2.52
N GLY B 152 -16.13 0.23 1.53
CA GLY B 152 -16.38 -0.21 0.16
C GLY B 152 -17.84 -0.57 -0.04
N ARG B 153 -18.08 -1.76 -0.58
CA ARG B 153 -19.45 -2.18 -0.82
C ARG B 153 -20.25 -2.27 0.47
N PHE B 154 -19.59 -2.59 1.59
CA PHE B 154 -20.31 -2.63 2.87
C PHE B 154 -20.87 -1.27 3.22
N ASN B 155 -20.21 -0.17 2.83
CA ASN B 155 -20.79 1.14 3.05
C ASN B 155 -22.04 1.33 2.18
N ASP B 156 -21.98 0.87 0.92
CA ASP B 156 -23.10 1.04 0.00
C ASP B 156 -24.31 0.27 0.47
N ASN B 157 -24.09 -0.94 0.97
CA ASN B 157 -25.17 -1.82 1.39
C ASN B 157 -24.75 -2.46 2.70
N PRO B 158 -25.10 -1.84 3.82
CA PRO B 158 -24.70 -2.38 5.14
C PRO B 158 -25.19 -3.79 5.42
N GLN B 159 -26.31 -4.20 4.79
CA GLN B 159 -26.81 -5.54 5.04
C GLN B 159 -25.85 -6.61 4.53
N LEU B 160 -25.01 -6.27 3.54
CA LEU B 160 -23.94 -7.19 3.16
C LEU B 160 -23.06 -7.52 4.36
N TRP B 161 -22.71 -6.52 5.18
CA TRP B 161 -21.90 -6.80 6.35
C TRP B 161 -22.71 -7.54 7.41
N ASN B 162 -23.98 -7.16 7.64
CA ASN B 162 -24.77 -7.92 8.60
C ASN B 162 -24.81 -9.42 8.25
N ASP B 163 -25.03 -9.74 6.98
CA ASP B 163 -25.10 -11.14 6.57
C ASP B 163 -23.74 -11.82 6.67
N LEU B 164 -22.70 -11.15 6.17
CA LEU B 164 -21.37 -11.75 6.20
C LEU B 164 -20.92 -12.00 7.65
N LEU B 165 -21.10 -11.02 8.51
CA LEU B 165 -20.65 -11.20 9.90
C LEU B 165 -21.39 -12.36 10.55
N ALA B 166 -22.69 -12.53 10.27
CA ALA B 166 -23.38 -13.71 10.82
C ALA B 166 -22.74 -15.00 10.31
N LYS B 167 -22.41 -15.07 9.02
CA LYS B 167 -21.78 -16.29 8.50
C LYS B 167 -20.42 -16.53 9.14
N ALA B 168 -19.62 -15.48 9.23
CA ALA B 168 -18.30 -15.59 9.83
C ALA B 168 -18.39 -16.03 11.28
N LEU B 169 -19.35 -15.47 12.03
CA LEU B 169 -19.53 -15.89 13.41
C LEU B 169 -19.88 -17.36 13.49
N ARG B 170 -20.75 -17.84 12.59
CA ARG B 170 -21.08 -19.28 12.59
C ARG B 170 -19.84 -20.12 12.35
N VAL B 171 -19.00 -19.71 11.41
CA VAL B 171 -17.74 -20.41 11.18
C VAL B 171 -16.92 -20.46 12.46
N VAL B 172 -16.74 -19.29 13.10
CA VAL B 172 -15.93 -19.22 14.31
C VAL B 172 -16.51 -20.12 15.40
N ARG B 173 -17.84 -20.10 15.55
CA ARG B 173 -18.49 -20.84 16.61
C ARG B 173 -18.39 -22.35 16.40
N GLU B 174 -18.17 -22.80 15.16
CA GLU B 174 -17.89 -24.22 14.93
C GLU B 174 -16.78 -24.73 15.84
N SER B 175 -15.75 -23.92 16.07
CA SER B 175 -14.62 -24.36 16.87
C SER B 175 -14.47 -23.63 18.20
N ASN B 176 -15.05 -22.43 18.33
CA ASN B 176 -14.95 -21.60 19.54
C ASN B 176 -16.35 -21.23 19.99
N PRO B 177 -17.03 -22.14 20.70
CA PRO B 177 -18.47 -21.90 20.96
C PRO B 177 -18.76 -20.69 21.81
N SER B 178 -17.82 -20.22 22.63
CA SER B 178 -18.14 -19.11 23.51
C SER B 178 -17.08 -17.99 23.59
N ARG B 179 -15.99 -18.06 22.83
CA ARG B 179 -15.01 -16.97 22.89
C ARG B 179 -15.64 -15.62 22.53
N ALA B 180 -15.21 -14.59 23.24
CA ALA B 180 -15.64 -13.23 22.89
C ALA B 180 -15.24 -12.88 21.45
N VAL B 181 -16.20 -12.40 20.69
CA VAL B 181 -16.00 -11.97 19.31
C VAL B 181 -16.42 -10.51 19.21
N ILE B 182 -15.55 -9.70 18.63
CA ILE B 182 -15.75 -8.26 18.54
C ILE B 182 -16.25 -7.92 17.16
N VAL B 183 -17.33 -7.16 17.09
CA VAL B 183 -18.03 -6.84 15.84
C VAL B 183 -18.35 -5.36 15.84
N GLY B 184 -18.09 -4.68 14.71
CA GLY B 184 -18.44 -3.28 14.62
C GLY B 184 -19.27 -2.95 13.39
N PRO B 185 -19.71 -1.69 13.26
CA PRO B 185 -20.55 -1.30 12.13
C PRO B 185 -19.75 -0.91 10.89
N VAL B 186 -20.45 -0.59 9.79
CA VAL B 186 -19.77 -0.13 8.58
C VAL B 186 -19.37 1.33 8.75
N GLY B 187 -19.04 2.01 7.65
CA GLY B 187 -18.48 3.34 7.77
C GLY B 187 -17.14 3.34 8.47
N TRP B 188 -16.31 2.31 8.25
CA TRP B 188 -15.04 2.18 8.94
C TRP B 188 -15.26 2.15 10.46
N ASN B 189 -16.21 1.31 10.90
CA ASN B 189 -16.58 1.19 12.32
C ASN B 189 -17.01 2.54 12.92
N SER B 190 -17.80 3.30 12.17
CA SER B 190 -18.29 4.58 12.67
C SER B 190 -19.47 4.39 13.64
N LEU B 191 -19.40 5.06 14.79
CA LEU B 191 -20.51 4.95 15.72
C LEU B 191 -21.80 5.49 15.08
N TRP B 192 -21.69 6.43 14.14
CA TRP B 192 -22.87 7.00 13.47
C TRP B 192 -23.57 5.96 12.61
N ARG B 193 -22.97 4.79 12.39
CA ARG B 193 -23.61 3.74 11.61
C ARG B 193 -24.02 2.55 12.48
N LEU B 194 -23.91 2.68 13.82
CA LEU B 194 -24.39 1.61 14.69
C LEU B 194 -25.83 1.24 14.39
N SER B 195 -26.65 2.25 14.09
CA SER B 195 -28.07 2.00 13.87
C SER B 195 -28.33 1.10 12.67
N GLU B 196 -27.39 0.98 11.74
CA GLU B 196 -27.55 0.04 10.63
C GLU B 196 -26.99 -1.34 10.94
N LEU B 197 -26.24 -1.50 12.02
CA LEU B 197 -25.71 -2.82 12.36
C LEU B 197 -26.83 -3.72 12.85
N ARG B 198 -26.81 -4.98 12.43
CA ARG B 198 -27.75 -5.99 12.92
C ARG B 198 -26.94 -7.20 13.31
N LEU B 199 -27.17 -7.70 14.53
CA LEU B 199 -26.39 -8.76 15.09
C LEU B 199 -27.24 -10.00 15.36
N PRO B 200 -26.66 -11.19 15.27
CA PRO B 200 -27.33 -12.40 15.75
C PRO B 200 -27.50 -12.32 17.26
N ASP B 201 -28.35 -13.20 17.79
CA ASP B 201 -28.61 -13.21 19.22
C ASP B 201 -27.51 -13.93 20.04
N ASP B 202 -26.32 -14.06 19.48
CA ASP B 202 -25.19 -14.66 20.17
C ASP B 202 -24.90 -13.88 21.45
N PRO B 203 -24.75 -14.56 22.59
CA PRO B 203 -24.53 -13.83 23.84
C PRO B 203 -23.10 -13.34 24.04
N ASN B 204 -22.17 -13.73 23.18
CA ASN B 204 -20.77 -13.46 23.48
C ASN B 204 -20.14 -12.55 22.42
N LEU B 205 -20.83 -11.45 22.11
CA LEU B 205 -20.36 -10.44 21.18
C LEU B 205 -20.04 -9.18 21.95
N ILE B 206 -18.96 -8.51 21.55
CA ILE B 206 -18.63 -7.20 22.06
C ILE B 206 -18.70 -6.28 20.86
N VAL B 207 -19.38 -5.16 21.00
CA VAL B 207 -19.55 -4.26 19.87
C VAL B 207 -18.44 -3.21 19.92
N THR B 208 -17.87 -2.91 18.75
CA THR B 208 -16.78 -1.95 18.69
C THR B 208 -17.14 -0.77 17.77
N PHE B 209 -16.60 0.40 18.09
CA PHE B 209 -16.54 1.46 17.11
C PHE B 209 -15.19 2.14 17.27
N HIS B 210 -14.79 2.89 16.24
CA HIS B 210 -13.56 3.66 16.29
C HIS B 210 -13.90 5.13 16.37
N TYR B 211 -13.00 5.93 16.96
CA TYR B 211 -13.36 7.33 17.17
C TYR B 211 -12.21 8.22 16.75
N TYR B 212 -12.46 9.01 15.68
CA TYR B 212 -11.48 9.96 15.19
C TYR B 212 -12.08 11.37 15.01
N ASP B 213 -13.29 11.62 15.54
CA ASP B 213 -13.86 12.97 15.43
C ASP B 213 -13.13 13.93 16.36
N PRO B 214 -12.88 15.19 15.93
CA PRO B 214 -13.21 15.69 14.60
C PRO B 214 -12.09 15.32 13.64
N LEU B 215 -12.50 14.78 12.48
CA LEU B 215 -11.55 14.26 11.52
C LEU B 215 -10.59 15.33 11.03
N GLU B 216 -11.07 16.58 10.86
CA GLU B 216 -10.21 17.68 10.43
C GLU B 216 -8.99 17.81 11.34
N PHE B 217 -9.14 17.43 12.60
CA PHE B 217 -8.03 17.49 13.53
C PHE B 217 -7.22 16.20 13.56
N THR B 218 -7.88 15.04 13.76
CA THR B 218 -7.13 13.82 13.98
C THR B 218 -6.40 13.36 12.73
N HIS B 219 -6.89 13.71 11.53
CA HIS B 219 -6.24 13.29 10.30
C HIS B 219 -5.59 14.44 9.55
N GLN B 220 -5.35 15.57 10.22
CA GLN B 220 -4.72 16.69 9.54
C GLN B 220 -3.36 16.26 9.00
N GLY B 221 -3.04 16.73 7.79
CA GLY B 221 -1.76 16.38 7.20
C GLY B 221 -1.61 14.93 6.76
N ALA B 222 -2.69 14.14 6.76
CA ALA B 222 -2.60 12.72 6.42
C ALA B 222 -2.06 12.47 5.02
N GLU B 223 -0.84 11.96 4.90
CA GLU B 223 -0.29 11.77 3.56
C GLU B 223 -1.02 10.71 2.75
N TRP B 224 -1.81 9.82 3.38
CA TRP B 224 -2.50 8.80 2.62
C TRP B 224 -3.72 9.32 1.89
N LEU B 225 -4.03 10.60 2.04
CA LEU B 225 -5.16 11.18 1.32
C LEU B 225 -4.68 12.07 0.18
N ASN B 226 -5.52 12.19 -0.83
CA ASN B 226 -5.24 13.03 -1.99
C ASN B 226 -6.50 13.85 -2.24
N PRO B 227 -6.48 15.16 -1.96
CA PRO B 227 -5.33 15.93 -1.48
C PRO B 227 -5.06 15.74 0.00
N VAL B 228 -3.86 16.12 0.42
CA VAL B 228 -3.50 16.03 1.83
C VAL B 228 -4.24 17.11 2.60
N PRO B 229 -4.97 16.77 3.66
CA PRO B 229 -5.72 17.80 4.39
C PRO B 229 -4.77 18.76 5.09
N PRO B 230 -5.21 20.00 5.32
CA PRO B 230 -4.32 21.02 5.93
C PRO B 230 -3.95 20.68 7.37
N THR B 231 -2.83 21.28 7.83
CA THR B 231 -2.39 21.14 9.21
C THR B 231 -2.63 22.45 9.95
N GLY B 232 -2.01 22.58 11.13
CA GLY B 232 -2.26 23.72 12.00
C GLY B 232 -3.65 23.74 12.61
N VAL B 233 -4.37 22.62 12.57
CA VAL B 233 -5.67 22.53 13.24
C VAL B 233 -5.42 22.28 14.72
N VAL B 234 -5.98 23.16 15.55
CA VAL B 234 -5.84 23.07 17.00
C VAL B 234 -7.07 22.39 17.61
N TRP B 235 -6.86 21.68 18.72
CA TRP B 235 -7.98 21.13 19.49
C TRP B 235 -7.89 21.63 20.92
N ARG B 236 -9.00 22.17 21.42
CA ARG B 236 -9.05 22.68 22.79
C ARG B 236 -10.46 22.49 23.30
N GLU B 237 -10.59 22.14 24.57
CA GLU B 237 -11.88 21.76 25.13
C GLU B 237 -12.94 22.83 24.92
N ASN B 238 -12.55 24.08 24.96
CA ASN B 238 -13.40 25.26 24.92
C ASN B 238 -13.61 25.82 23.52
N GLN B 239 -12.91 25.33 22.50
CA GLN B 239 -13.15 25.81 21.14
C GLN B 239 -14.58 25.53 20.70
N GLY B 240 -15.16 26.46 19.92
CA GLY B 240 -16.50 26.26 19.40
C GLY B 240 -16.58 25.11 18.40
N ALA B 241 -17.71 24.42 18.43
CA ALA B 241 -17.91 23.29 17.53
C ALA B 241 -19.41 23.05 17.38
N PHE B 242 -19.80 22.43 16.27
CA PHE B 242 -21.15 21.92 16.19
C PHE B 242 -21.27 20.65 17.01
N ALA B 243 -22.48 20.39 17.50
CA ALA B 243 -22.76 19.18 18.25
C ALA B 243 -22.40 17.92 17.45
N ALA B 244 -22.03 16.87 18.19
CA ALA B 244 -21.56 15.64 17.57
C ALA B 244 -22.61 15.07 16.62
N GLY B 245 -22.16 14.67 15.43
CA GLY B 245 -23.08 14.09 14.45
C GLY B 245 -23.86 15.08 13.60
N TRP B 246 -23.79 16.39 13.88
CA TRP B 246 -24.46 17.41 13.07
C TRP B 246 -23.51 17.98 12.04
N GLN B 247 -23.80 17.72 10.78
CA GLN B 247 -23.01 18.17 9.64
C GLN B 247 -23.53 19.52 9.15
N ASN B 248 -22.59 20.33 8.66
CA ASN B 248 -22.92 21.63 8.07
C ASN B 248 -23.26 21.43 6.60
N TRP B 249 -24.56 21.42 6.29
CA TRP B 249 -25.04 21.34 4.91
C TRP B 249 -25.45 22.71 4.37
N SER B 250 -24.88 23.78 4.91
CA SER B 250 -25.28 25.13 4.51
C SER B 250 -25.00 25.36 3.02
N TRP B 251 -25.76 26.27 2.43
CA TRP B 251 -25.55 26.65 1.04
C TRP B 251 -25.52 28.16 0.93
N GLY B 252 -24.70 28.66 -0.01
CA GLY B 252 -24.66 30.09 -0.23
C GLY B 252 -24.16 30.87 0.96
N SER B 253 -23.46 30.22 1.89
CA SER B 253 -23.14 30.87 3.16
C SER B 253 -21.71 30.57 3.58
N ARG B 254 -21.08 31.57 4.18
CA ARG B 254 -19.82 31.41 4.89
C ARG B 254 -20.11 31.29 6.39
N VAL B 255 -19.66 30.21 7.01
CA VAL B 255 -19.84 30.07 8.45
C VAL B 255 -18.47 29.84 9.06
N GLY B 256 -18.23 30.43 10.22
CA GLY B 256 -16.95 30.26 10.88
C GLY B 256 -17.10 30.48 12.36
N PHE B 257 -16.27 29.78 13.13
CA PHE B 257 -16.30 29.94 14.58
C PHE B 257 -15.49 31.15 15.02
N VAL B 258 -16.08 31.96 15.88
CA VAL B 258 -15.38 33.08 16.49
C VAL B 258 -15.76 33.10 17.96
N GLY B 259 -14.82 32.73 18.83
CA GLY B 259 -15.14 32.69 20.26
C GLY B 259 -16.31 31.76 20.57
N GLU B 260 -17.31 32.29 21.28
CA GLU B 260 -18.50 31.56 21.67
C GLU B 260 -19.58 31.58 20.59
N ALA B 261 -19.27 32.14 19.42
CA ALA B 261 -20.24 32.43 18.38
C ALA B 261 -19.92 31.72 17.08
N LEU B 262 -20.94 31.57 16.26
CA LEU B 262 -20.80 31.21 14.85
C LEU B 262 -21.04 32.46 13.99
N GLU B 263 -20.08 32.87 13.19
CA GLU B 263 -20.33 33.97 12.26
C GLU B 263 -20.91 33.41 10.97
N ILE B 264 -22.01 34.00 10.52
CA ILE B 264 -22.73 33.56 9.33
C ILE B 264 -22.81 34.73 8.36
N THR B 265 -22.29 34.52 7.16
CA THR B 265 -22.39 35.46 6.06
C THR B 265 -23.23 34.83 4.97
N TYR B 266 -24.46 35.30 4.83
CA TYR B 266 -25.29 34.89 3.71
C TYR B 266 -24.76 35.58 2.45
N GLN B 267 -24.15 34.83 1.56
CA GLN B 267 -23.45 35.41 0.42
C GLN B 267 -24.33 35.59 -0.80
N GLU B 268 -25.59 35.19 -0.72
CA GLU B 268 -26.53 35.28 -1.84
C GLU B 268 -27.95 35.24 -1.28
N GLY B 269 -28.90 35.63 -2.12
CA GLY B 269 -30.31 35.48 -1.82
C GLY B 269 -30.69 34.05 -1.48
N TRP B 270 -31.54 33.89 -0.46
CA TRP B 270 -32.12 32.60 -0.06
C TRP B 270 -31.08 31.61 0.44
N ALA B 271 -29.89 32.08 0.78
CA ALA B 271 -28.86 31.21 1.32
C ALA B 271 -29.35 30.60 2.62
N GLY B 272 -28.83 29.41 2.94
CA GLY B 272 -29.30 28.74 4.13
C GLY B 272 -28.19 28.25 5.03
N PHE B 273 -28.29 28.58 6.32
CA PHE B 273 -27.52 27.88 7.34
C PHE B 273 -28.27 26.61 7.70
N TYR B 274 -27.62 25.47 7.55
CA TYR B 274 -28.32 24.19 7.53
C TYR B 274 -27.49 23.17 8.30
N LEU B 275 -28.00 22.68 9.42
CA LEU B 275 -27.38 21.59 10.15
C LEU B 275 -28.22 20.33 9.93
N HIS B 276 -27.54 19.21 9.67
CA HIS B 276 -28.23 17.95 9.41
C HIS B 276 -27.64 16.85 10.29
N SER B 277 -28.51 16.06 10.90
CA SER B 277 -28.11 14.86 11.63
C SER B 277 -28.80 13.64 11.01
N ASP B 278 -28.02 12.60 10.69
CA ASP B 278 -28.63 11.38 10.17
C ASP B 278 -29.52 10.69 11.21
N ALA B 279 -29.09 10.68 12.48
CA ALA B 279 -29.90 10.01 13.50
C ALA B 279 -31.02 10.92 13.98
N GLY B 280 -30.74 12.19 14.17
CA GLY B 280 -31.73 13.09 14.71
C GLY B 280 -31.90 12.91 16.20
N VAL B 281 -32.85 13.67 16.75
CA VAL B 281 -33.09 13.67 18.18
C VAL B 281 -34.58 13.77 18.40
N GLU B 282 -35.03 13.22 19.53
CA GLU B 282 -36.42 13.25 19.93
C GLU B 282 -36.53 13.88 21.30
N GLY B 283 -37.72 14.39 21.60
CA GLY B 283 -38.01 14.91 22.92
C GLY B 283 -37.87 16.41 23.10
N TYR B 284 -37.58 17.15 22.03
CA TYR B 284 -37.50 18.60 22.15
C TYR B 284 -38.74 19.22 21.52
N ASP B 285 -39.15 20.36 22.06
CA ASP B 285 -40.32 21.06 21.57
C ASP B 285 -40.04 22.48 21.11
N ARG B 286 -38.85 23.02 21.36
CA ARG B 286 -38.59 24.37 20.89
C ARG B 286 -37.12 24.54 20.50
N LEU B 287 -36.88 25.54 19.66
CA LEU B 287 -35.56 25.94 19.22
C LEU B 287 -35.29 27.33 19.76
N ALA B 288 -34.17 27.50 20.44
CA ALA B 288 -33.76 28.79 20.95
C ALA B 288 -32.48 29.20 20.23
N PHE B 289 -32.43 30.45 19.77
CA PHE B 289 -31.23 30.96 19.13
C PHE B 289 -31.17 32.46 19.33
N ARG B 290 -29.99 33.02 19.12
CA ARG B 290 -29.77 34.44 19.34
C ARG B 290 -28.74 34.92 18.35
N THR B 291 -28.98 36.10 17.78
CA THR B 291 -28.10 36.70 16.79
C THR B 291 -27.62 38.06 17.29
N SER B 292 -26.46 38.47 16.76
CA SER B 292 -25.88 39.73 17.17
C SER B 292 -26.63 40.92 16.59
N ALA B 293 -27.29 40.73 15.47
CA ALA B 293 -28.01 41.77 14.76
C ALA B 293 -29.41 41.29 14.47
N PRO B 294 -30.35 42.20 14.19
CA PRO B 294 -31.67 41.75 13.74
C PRO B 294 -31.54 41.08 12.39
N VAL B 295 -32.03 39.85 12.30
CA VAL B 295 -31.89 39.05 11.09
C VAL B 295 -33.27 38.58 10.67
N SER B 296 -33.57 38.69 9.39
CA SER B 296 -34.84 38.20 8.86
C SER B 296 -34.60 36.81 8.28
N LEU B 297 -35.25 35.82 8.87
CA LEU B 297 -34.96 34.42 8.65
C LEU B 297 -36.22 33.68 8.25
N GLN B 298 -36.03 32.56 7.57
CA GLN B 298 -37.02 31.50 7.44
C GLN B 298 -36.50 30.30 8.23
N VAL B 299 -37.25 29.86 9.24
CA VAL B 299 -36.84 28.78 10.14
C VAL B 299 -37.61 27.52 9.81
N SER B 300 -36.90 26.41 9.62
CA SER B 300 -37.63 25.15 9.48
C SER B 300 -36.85 24.04 10.19
N CYS B 301 -37.59 23.16 10.84
CA CYS B 301 -37.00 22.02 11.54
C CYS B 301 -37.47 20.71 10.93
N ARG B 302 -37.79 20.74 9.64
CA ARG B 302 -38.15 19.53 8.92
C ARG B 302 -37.99 19.83 7.44
N ARG B 303 -37.18 19.04 6.74
CA ARG B 303 -36.95 19.32 5.34
C ARG B 303 -38.24 19.20 4.55
N ASP B 304 -38.44 20.14 3.64
CA ASP B 304 -39.61 20.26 2.79
C ASP B 304 -40.87 20.60 3.59
N ALA B 305 -40.70 21.10 4.82
CA ALA B 305 -41.87 21.67 5.49
C ALA B 305 -41.92 23.16 5.19
N PRO B 306 -43.09 23.79 5.27
CA PRO B 306 -43.15 25.24 5.07
C PRO B 306 -42.46 25.95 6.22
N ALA B 307 -41.54 26.85 5.89
CA ALA B 307 -40.76 27.52 6.89
C ALA B 307 -41.55 28.63 7.56
N LYS B 308 -41.14 28.98 8.77
CA LYS B 308 -41.74 30.07 9.52
C LYS B 308 -40.85 31.30 9.39
N ALA B 309 -41.43 32.42 8.96
CA ALA B 309 -40.66 33.65 8.88
C ALA B 309 -40.51 34.24 10.26
N VAL B 310 -39.28 34.51 10.67
CA VAL B 310 -39.06 35.18 11.95
C VAL B 310 -37.95 36.20 11.77
N THR B 311 -38.11 37.34 12.44
CA THR B 311 -37.08 38.37 12.43
C THR B 311 -36.59 38.52 13.86
N THR B 312 -35.30 38.29 14.07
CA THR B 312 -34.79 38.39 15.41
C THR B 312 -34.53 39.86 15.76
N SER B 313 -34.25 40.10 17.04
CA SER B 313 -33.71 41.38 17.47
C SER B 313 -32.32 41.14 18.00
N GLY B 314 -31.40 42.06 17.69
CA GLY B 314 -30.04 41.99 18.19
C GLY B 314 -29.96 41.71 19.69
N GLY B 315 -29.22 40.68 20.07
CA GLY B 315 -28.99 40.39 21.46
C GLY B 315 -30.15 39.82 22.23
N VAL B 316 -31.27 39.53 21.57
CA VAL B 316 -32.48 39.06 22.24
C VAL B 316 -32.75 37.63 21.79
N GLU B 317 -32.92 36.74 22.76
CA GLU B 317 -33.17 35.34 22.42
C GLU B 317 -34.50 35.21 21.70
N THR B 318 -34.51 34.39 20.65
CA THR B 318 -35.72 34.01 19.96
C THR B 318 -35.96 32.54 20.22
N VAL B 319 -37.19 32.20 20.58
CA VAL B 319 -37.60 30.82 20.80
C VAL B 319 -38.76 30.55 19.86
N VAL B 320 -38.67 29.44 19.14
CA VAL B 320 -39.67 29.05 18.15
C VAL B 320 -40.11 27.64 18.48
N ASN B 321 -41.42 27.43 18.58
CA ASN B 321 -41.93 26.08 18.80
C ASN B 321 -41.71 25.20 17.57
N LEU B 322 -41.18 24.00 17.79
CA LEU B 322 -40.92 23.11 16.66
C LEU B 322 -42.23 22.72 15.98
N SER B 323 -43.34 22.74 16.72
CA SER B 323 -44.65 22.48 16.11
C SER B 323 -45.00 23.48 15.02
N GLU B 324 -44.45 24.69 15.08
CA GLU B 324 -44.81 25.76 14.15
C GLU B 324 -43.91 25.87 12.93
N CYS B 325 -42.83 25.08 12.84
CA CYS B 325 -41.96 25.14 11.66
C CYS B 325 -41.59 23.74 11.18
N GLY B 326 -42.55 22.83 11.21
CA GLY B 326 -42.27 21.51 10.67
C GLY B 326 -42.76 20.39 11.56
N ASN B 327 -42.85 20.64 12.86
CA ASN B 327 -43.40 19.70 13.84
C ASN B 327 -42.89 18.26 13.65
N PRO B 328 -41.58 18.04 13.66
CA PRO B 328 -41.07 16.68 13.54
C PRO B 328 -41.12 15.99 14.89
N SER B 329 -41.17 14.66 14.85
CA SER B 329 -40.95 13.86 16.05
C SER B 329 -39.48 13.52 16.22
N ARG B 330 -38.82 13.14 15.12
CA ARG B 330 -37.39 12.89 15.08
C ARG B 330 -36.80 14.03 14.26
N LEU B 331 -36.15 14.98 14.94
CA LEU B 331 -35.64 16.19 14.31
C LEU B 331 -34.27 15.90 13.68
N THR B 332 -34.18 15.96 12.36
CA THR B 332 -32.93 15.70 11.67
C THR B 332 -32.39 16.87 10.84
N ASP B 333 -33.20 17.88 10.55
CA ASP B 333 -32.75 18.96 9.68
C ASP B 333 -33.18 20.30 10.25
N LEU B 334 -32.22 21.22 10.36
CA LEU B 334 -32.48 22.53 10.94
C LEU B 334 -31.94 23.58 10.01
N ILE B 335 -32.80 24.50 9.57
CA ILE B 335 -32.43 25.47 8.55
C ILE B 335 -32.82 26.86 9.01
N LEU B 336 -31.85 27.77 9.00
CA LEU B 336 -32.07 29.20 9.18
C LEU B 336 -31.71 29.84 7.84
N GLN B 337 -32.72 30.22 7.08
CA GLN B 337 -32.52 30.70 5.72
C GLN B 337 -32.61 32.22 5.65
N ASN B 338 -31.72 32.81 4.87
CA ASN B 338 -31.75 34.22 4.52
C ASN B 338 -33.09 34.60 3.86
N ASN B 339 -33.95 35.34 4.56
CA ASN B 339 -35.27 35.70 3.99
C ASN B 339 -35.14 36.97 3.14
N SER B 340 -34.41 36.82 2.04
CA SER B 340 -34.10 37.94 1.17
C SER B 340 -33.54 37.45 -0.15
N PRO B 341 -33.82 38.13 -1.26
CA PRO B 341 -33.16 37.81 -2.54
C PRO B 341 -31.73 38.30 -2.62
N ASN B 342 -31.26 39.07 -1.65
CA ASN B 342 -29.90 39.57 -1.69
C ASN B 342 -29.05 38.96 -0.57
N ALA B 343 -27.73 39.01 -0.78
CA ALA B 343 -26.78 38.72 0.27
C ALA B 343 -27.00 39.64 1.48
N ARG B 344 -26.52 39.21 2.63
CA ARG B 344 -26.65 39.96 3.87
C ARG B 344 -25.29 40.08 4.51
N ALA B 345 -25.07 41.21 5.19
CA ALA B 345 -23.83 41.39 5.94
C ALA B 345 -23.70 40.32 7.01
N ALA B 346 -22.45 39.99 7.36
CA ALA B 346 -22.18 38.99 8.37
C ALA B 346 -22.84 39.35 9.69
N PHE B 347 -23.32 38.33 10.41
CA PHE B 347 -23.78 38.49 11.79
C PHE B 347 -23.30 37.29 12.58
N ARG B 348 -23.44 37.37 13.90
CA ARG B 348 -23.06 36.27 14.78
C ARG B 348 -24.29 35.56 15.33
N LEU B 349 -24.29 34.24 15.18
CA LEU B 349 -25.23 33.36 15.83
C LEU B 349 -24.61 33.01 17.18
N GLU B 350 -25.19 33.56 18.25
CA GLU B 350 -24.61 33.48 19.58
C GLU B 350 -25.09 32.28 20.37
N ARG B 351 -26.27 31.76 20.06
CA ARG B 351 -26.81 30.59 20.74
C ARG B 351 -27.62 29.80 19.73
N LEU B 352 -27.60 28.48 19.87
CA LEU B 352 -28.43 27.61 19.04
C LEU B 352 -28.66 26.34 19.83
N GLU B 353 -29.85 26.16 20.37
CA GLU B 353 -30.07 24.98 21.17
C GLU B 353 -31.53 24.53 21.12
N LEU B 354 -31.72 23.21 21.20
CA LEU B 354 -33.04 22.64 21.29
C LEU B 354 -33.39 22.51 22.77
N ARG B 355 -34.67 22.73 23.09
CA ARG B 355 -35.13 22.64 24.47
C ARG B 355 -36.31 21.67 24.51
N GLY B 356 -36.45 20.99 25.64
CA GLY B 356 -37.57 20.11 25.86
C GLY B 356 -37.92 20.01 27.33
N PRO B 357 -38.69 18.99 27.70
CA PRO B 357 -38.93 18.76 29.13
C PRO B 357 -37.64 18.60 29.92
N GLY B 358 -36.68 17.89 29.34
CA GLY B 358 -35.43 17.57 30.00
C GLY B 358 -34.32 18.54 29.71
N SER B 359 -33.12 18.01 29.50
CA SER B 359 -31.89 18.77 29.35
C SER B 359 -31.73 19.26 27.91
N PRO B 360 -31.29 20.50 27.71
CA PRO B 360 -31.17 21.05 26.34
C PRO B 360 -30.05 20.40 25.55
N LEU B 361 -30.16 20.52 24.22
CA LEU B 361 -29.13 20.06 23.30
C LEU B 361 -28.50 21.30 22.64
N ALA B 362 -27.25 21.59 22.99
CA ALA B 362 -26.54 22.70 22.36
C ALA B 362 -26.06 22.26 20.98
N LEU B 363 -26.65 22.83 19.93
CA LEU B 363 -26.19 22.50 18.59
C LEU B 363 -24.95 23.31 18.25
N LEU B 364 -24.82 24.49 18.85
CA LEU B 364 -23.57 25.24 18.84
C LEU B 364 -23.00 25.04 20.24
N THR B 365 -21.83 24.42 20.33
CA THR B 365 -21.32 23.98 21.61
C THR B 365 -19.80 24.09 21.60
N HIS B 366 -19.09 23.28 22.39
CA HIS B 366 -17.64 23.30 22.41
C HIS B 366 -17.09 21.91 22.11
N GLN B 367 -15.80 21.85 21.77
CA GLN B 367 -15.19 20.60 21.29
C GLN B 367 -15.29 19.47 22.32
N GLN B 368 -14.98 19.78 23.58
CA GLN B 368 -15.09 18.80 24.66
C GLN B 368 -16.48 18.20 24.74
N ASN B 369 -17.51 19.06 24.71
CA ASN B 369 -18.86 18.55 24.85
C ASN B 369 -19.26 17.73 23.63
N ALA B 370 -18.70 18.02 22.45
CA ALA B 370 -19.03 17.20 21.30
C ALA B 370 -18.53 15.77 21.51
N ILE B 371 -17.33 15.62 22.11
CA ILE B 371 -16.90 14.25 22.46
C ILE B 371 -17.89 13.61 23.43
N ALA B 372 -18.29 14.34 24.48
CA ALA B 372 -19.25 13.75 25.44
C ALA B 372 -20.56 13.36 24.75
N GLN B 373 -21.04 14.19 23.83
CA GLN B 373 -22.26 13.89 23.09
C GLN B 373 -22.13 12.63 22.26
N ALA B 374 -21.00 12.46 21.57
CA ALA B 374 -20.81 11.26 20.78
C ALA B 374 -20.85 10.02 21.67
N MET B 375 -20.16 10.08 22.82
CA MET B 375 -20.12 8.89 23.67
C MET B 375 -21.47 8.63 24.31
N GLU B 376 -22.24 9.67 24.62
CA GLU B 376 -23.61 9.48 25.09
C GLU B 376 -24.45 8.78 24.04
N PHE B 377 -24.32 9.20 22.78
CA PHE B 377 -25.06 8.58 21.69
C PHE B 377 -24.71 7.08 21.57
N ALA B 378 -23.40 6.77 21.57
CA ALA B 378 -22.99 5.37 21.50
C ALA B 378 -23.52 4.58 22.69
N GLN B 379 -23.46 5.17 23.89
CA GLN B 379 -23.94 4.47 25.08
C GLN B 379 -25.44 4.22 25.00
N ARG B 380 -26.22 5.17 24.47
CA ARG B 380 -27.65 4.91 24.31
C ARG B 380 -27.89 3.71 23.40
N TRP B 381 -27.15 3.64 22.29
CA TRP B 381 -27.25 2.45 21.43
C TRP B 381 -26.90 1.19 22.21
N ALA B 382 -25.81 1.24 22.97
CA ALA B 382 -25.30 0.04 23.64
C ALA B 382 -26.25 -0.42 24.74
N GLU B 383 -26.83 0.53 25.46
CA GLU B 383 -27.79 0.19 26.50
C GLU B 383 -29.08 -0.36 25.89
N GLN B 384 -29.56 0.23 24.81
CA GLN B 384 -30.80 -0.25 24.21
C GLN B 384 -30.62 -1.67 23.68
N ASN B 385 -29.48 -1.94 23.07
CA ASN B 385 -29.23 -3.26 22.54
C ASN B 385 -28.55 -4.18 23.54
N ARG B 386 -28.24 -3.68 24.73
CA ARG B 386 -27.69 -4.47 25.82
C ARG B 386 -26.44 -5.21 25.36
N ARG B 387 -25.51 -4.45 24.79
CA ARG B 387 -24.23 -4.97 24.33
C ARG B 387 -23.09 -4.19 24.98
N PRO B 388 -22.00 -4.85 25.36
CA PRO B 388 -20.82 -4.13 25.84
C PRO B 388 -20.05 -3.49 24.68
N ILE B 389 -19.23 -2.49 25.02
CA ILE B 389 -18.56 -1.63 24.04
C ILE B 389 -17.05 -1.64 24.26
N PHE B 390 -16.32 -1.85 23.17
CA PHE B 390 -14.87 -1.75 23.07
C PHE B 390 -14.55 -0.72 21.98
N VAL B 391 -13.87 0.38 22.32
CA VAL B 391 -13.51 1.39 21.32
C VAL B 391 -12.10 1.05 20.84
N GLY B 392 -12.06 0.31 19.74
CA GLY B 392 -10.86 -0.41 19.32
C GLY B 392 -9.78 0.44 18.69
N GLN B 393 -10.11 1.66 18.26
CA GLN B 393 -9.10 2.58 17.75
C GLN B 393 -9.56 4.00 18.05
N PHE B 394 -8.62 4.82 18.53
CA PHE B 394 -8.78 6.27 18.56
C PHE B 394 -7.37 6.85 18.67
N GLY B 395 -7.18 8.01 18.07
CA GLY B 395 -5.87 8.64 18.09
C GLY B 395 -5.78 9.84 17.18
N ALA B 396 -4.82 10.72 17.44
CA ALA B 396 -4.62 11.92 16.62
C ALA B 396 -3.26 11.87 15.95
N TYR B 397 -3.22 12.20 14.66
CA TYR B 397 -2.01 12.03 13.87
C TYR B 397 -0.93 13.04 14.28
N GLU B 398 0.33 12.63 14.14
CA GLU B 398 1.47 13.43 14.61
C GLU B 398 1.61 14.77 13.90
N LYS B 399 0.92 14.99 12.78
CA LYS B 399 1.01 16.32 12.17
C LYS B 399 0.32 17.38 13.01
N GLY B 400 -0.58 16.98 13.91
CA GLY B 400 -1.15 17.93 14.86
C GLY B 400 -0.14 18.29 15.92
N ASP B 401 -0.28 19.49 16.47
CA ASP B 401 0.63 19.92 17.51
C ASP B 401 0.43 19.07 18.77
N LEU B 402 1.51 18.83 19.52
CA LEU B 402 1.47 17.83 20.58
C LEU B 402 0.48 18.20 21.69
N ASP B 403 0.45 19.47 22.12
CA ASP B 403 -0.47 19.83 23.19
C ASP B 403 -1.91 19.56 22.78
N SER B 404 -2.28 19.87 21.54
CA SER B 404 -3.63 19.57 21.08
C SER B 404 -3.92 18.07 21.12
N ARG B 405 -2.97 17.26 20.66
CA ARG B 405 -3.16 15.81 20.65
C ARG B 405 -3.31 15.27 22.06
N VAL B 406 -2.51 15.77 22.99
CA VAL B 406 -2.65 15.36 24.39
C VAL B 406 -4.03 15.72 24.92
N ARG B 407 -4.48 16.95 24.68
CA ARG B 407 -5.81 17.37 25.13
C ARG B 407 -6.90 16.48 24.56
N TRP B 408 -6.89 16.27 23.24
CA TRP B 408 -7.91 15.43 22.61
C TRP B 408 -7.86 14.02 23.17
N THR B 409 -6.66 13.45 23.24
CA THR B 409 -6.55 12.05 23.63
C THR B 409 -7.06 11.85 25.06
N GLY B 410 -6.73 12.78 25.96
CA GLY B 410 -7.21 12.68 27.32
C GLY B 410 -8.72 12.87 27.44
N ALA B 411 -9.28 13.81 26.67
CA ALA B 411 -10.74 14.00 26.67
C ALA B 411 -11.46 12.74 26.19
N VAL B 412 -10.95 12.13 25.11
CA VAL B 412 -11.60 10.92 24.60
C VAL B 412 -11.51 9.81 25.63
N ARG B 413 -10.30 9.55 26.15
CA ARG B 413 -10.15 8.48 27.14
C ARG B 413 -11.05 8.70 28.34
N SER B 414 -11.18 9.96 28.79
CA SER B 414 -12.00 10.24 29.96
C SER B 414 -13.47 9.93 29.68
N GLU B 415 -13.98 10.36 28.52
CA GLU B 415 -15.39 10.05 28.22
C GLU B 415 -15.62 8.55 28.02
N LEU B 416 -14.67 7.88 27.38
CA LEU B 416 -14.78 6.43 27.20
C LEU B 416 -14.94 5.76 28.56
N GLU B 417 -14.07 6.11 29.51
CA GLU B 417 -14.13 5.41 30.79
C GLU B 417 -15.33 5.84 31.64
N LYS B 418 -15.76 7.10 31.54
CA LYS B 418 -17.02 7.49 32.17
C LYS B 418 -18.16 6.59 31.72
N ARG B 419 -18.11 6.10 30.48
CA ARG B 419 -19.19 5.25 30.02
C ARG B 419 -18.88 3.76 30.13
N ASN B 420 -17.78 3.40 30.80
CA ASN B 420 -17.32 2.01 30.93
C ASN B 420 -17.14 1.33 29.57
N PHE B 421 -16.64 2.09 28.60
CA PHE B 421 -16.16 1.52 27.36
C PHE B 421 -14.72 1.07 27.58
N SER B 422 -14.41 -0.18 27.25
CA SER B 422 -13.00 -0.55 27.10
C SER B 422 -12.46 0.08 25.82
N TRP B 423 -11.14 0.08 25.67
CA TRP B 423 -10.59 0.79 24.53
C TRP B 423 -9.16 0.36 24.20
N ALA B 424 -8.78 0.64 22.95
CA ALA B 424 -7.41 0.42 22.48
C ALA B 424 -6.97 1.67 21.71
N TYR B 425 -5.92 2.32 22.20
CA TYR B 425 -5.38 3.49 21.53
C TYR B 425 -4.66 3.11 20.24
N TRP B 426 -4.83 3.93 19.21
CA TRP B 426 -4.08 3.80 17.96
C TRP B 426 -3.03 4.90 17.97
N GLU B 427 -1.77 4.57 18.17
CA GLU B 427 -1.21 3.22 18.16
C GLU B 427 0.07 3.25 18.99
N PHE B 428 0.73 2.11 19.10
CA PHE B 428 1.93 2.00 19.92
C PHE B 428 3.05 2.90 19.41
N ALA B 429 3.48 2.69 18.16
CA ALA B 429 4.63 3.40 17.61
C ALA B 429 4.26 4.00 16.25
N ALA B 430 5.22 4.68 15.62
CA ALA B 430 5.02 5.32 14.32
C ALA B 430 4.10 6.54 14.42
N GLY B 431 3.32 6.82 13.38
CA GLY B 431 2.77 8.15 13.15
C GLY B 431 1.68 8.60 14.12
N PHE B 432 0.96 7.67 14.73
CA PHE B 432 0.05 7.97 15.82
C PHE B 432 0.62 7.55 17.16
N GLY B 433 1.93 7.30 17.22
CA GLY B 433 2.47 6.51 18.31
C GLY B 433 2.56 7.25 19.64
N ILE B 434 2.52 6.47 20.72
CA ILE B 434 2.88 6.97 22.03
C ILE B 434 4.29 6.53 22.43
N TYR B 435 4.98 5.73 21.62
CA TYR B 435 6.30 5.25 21.97
C TYR B 435 7.24 5.68 20.86
N ASP B 436 8.29 6.42 21.23
CA ASP B 436 9.25 6.94 20.27
C ASP B 436 10.37 5.92 20.12
N ARG B 437 10.41 5.24 18.98
CA ARG B 437 11.41 4.20 18.84
C ARG B 437 12.81 4.76 18.61
N THR B 438 12.90 5.98 18.06
CA THR B 438 14.20 6.62 17.84
C THR B 438 14.87 6.94 19.16
N THR B 439 14.16 7.62 20.05
CA THR B 439 14.69 7.96 21.37
C THR B 439 14.48 6.87 22.41
N ARG B 440 13.79 5.76 22.07
CA ARG B 440 13.53 4.68 23.00
C ARG B 440 12.87 5.17 24.29
N GLN B 441 11.88 6.02 24.12
CA GLN B 441 11.16 6.60 25.24
C GLN B 441 9.68 6.67 24.93
N TRP B 442 8.86 6.57 25.96
CA TRP B 442 7.45 6.92 25.81
C TRP B 442 7.33 8.42 25.54
N ARG B 443 6.37 8.80 24.70
CA ARG B 443 6.03 10.22 24.54
C ARG B 443 5.18 10.59 25.74
N THR B 444 5.86 11.03 26.80
CA THR B 444 5.27 11.01 28.14
C THR B 444 3.93 11.71 28.25
N PRO B 445 3.73 12.94 27.76
CA PRO B 445 2.41 13.56 27.95
C PRO B 445 1.27 12.82 27.24
N LEU B 446 1.55 12.18 26.11
CA LEU B 446 0.50 11.43 25.42
C LEU B 446 0.16 10.14 26.16
N LEU B 447 1.19 9.44 26.63
CA LEU B 447 0.97 8.26 27.46
C LEU B 447 0.16 8.62 28.71
N LYS B 448 0.49 9.75 29.35
CA LYS B 448 -0.26 10.15 30.54
C LYS B 448 -1.69 10.55 30.23
N ALA B 449 -1.95 11.08 29.03
CA ALA B 449 -3.35 11.28 28.64
C ALA B 449 -4.10 9.96 28.66
N LEU B 450 -3.42 8.85 28.35
CA LEU B 450 -4.08 7.55 28.34
C LEU B 450 -4.12 6.86 29.69
N VAL B 451 -3.02 6.93 30.44
CA VAL B 451 -2.83 6.23 31.70
C VAL B 451 -2.45 7.30 32.72
N PRO B 452 -3.44 7.96 33.35
CA PRO B 452 -3.15 9.16 34.17
C PRO B 452 -2.61 8.84 35.56
#